data_6ODG
# 
_entry.id   6ODG 
# 
_audit_conform.dict_name       mmcif_pdbx.dic 
_audit_conform.dict_version    5.387 
_audit_conform.dict_location   http://mmcif.pdb.org/dictionaries/ascii/mmcif_pdbx.dic 
# 
loop_
_database_2.database_id 
_database_2.database_code 
_database_2.pdbx_database_accession 
_database_2.pdbx_DOI 
PDB   6ODG         pdb_00006odg 10.2210/pdb6odg/pdb 
WWPDB D_1000240491 ?            ?                   
# 
loop_
_pdbx_audit_revision_history.ordinal 
_pdbx_audit_revision_history.data_content_type 
_pdbx_audit_revision_history.major_revision 
_pdbx_audit_revision_history.minor_revision 
_pdbx_audit_revision_history.revision_date 
1 'Structure model' 1 0 2019-10-02 
2 'Structure model' 1 1 2019-11-13 
3 'Structure model' 1 2 2019-12-18 
4 'Structure model' 1 3 2024-03-13 
# 
_pdbx_audit_revision_details.ordinal             1 
_pdbx_audit_revision_details.revision_ordinal    1 
_pdbx_audit_revision_details.data_content_type   'Structure model' 
_pdbx_audit_revision_details.provider            repository 
_pdbx_audit_revision_details.type                'Initial release' 
_pdbx_audit_revision_details.description         ? 
_pdbx_audit_revision_details.details             ? 
# 
loop_
_pdbx_audit_revision_group.ordinal 
_pdbx_audit_revision_group.revision_ordinal 
_pdbx_audit_revision_group.data_content_type 
_pdbx_audit_revision_group.group 
1 2 'Structure model' 'Database references'        
2 3 'Structure model' 'Author supporting evidence' 
3 4 'Structure model' 'Data collection'            
4 4 'Structure model' 'Database references'        
5 4 'Structure model' 'Refinement description'     
# 
loop_
_pdbx_audit_revision_category.ordinal 
_pdbx_audit_revision_category.revision_ordinal 
_pdbx_audit_revision_category.data_content_type 
_pdbx_audit_revision_category.category 
1 2 'Structure model' citation           
2 3 'Structure model' pdbx_audit_support 
3 4 'Structure model' chem_comp_atom     
4 4 'Structure model' chem_comp_bond     
5 4 'Structure model' database_2         
6 4 'Structure model' struct_ncs_dom_lim 
# 
loop_
_pdbx_audit_revision_item.ordinal 
_pdbx_audit_revision_item.revision_ordinal 
_pdbx_audit_revision_item.data_content_type 
_pdbx_audit_revision_item.item 
1  2 'Structure model' '_citation.journal_volume'                 
2  2 'Structure model' '_citation.page_first'                     
3  2 'Structure model' '_citation.page_last'                      
4  2 'Structure model' '_citation.title'                          
5  3 'Structure model' '_pdbx_audit_support.funding_organization' 
6  4 'Structure model' '_database_2.pdbx_DOI'                     
7  4 'Structure model' '_database_2.pdbx_database_accession'      
8  4 'Structure model' '_struct_ncs_dom_lim.beg_auth_comp_id'     
9  4 'Structure model' '_struct_ncs_dom_lim.beg_label_asym_id'    
10 4 'Structure model' '_struct_ncs_dom_lim.beg_label_comp_id'    
11 4 'Structure model' '_struct_ncs_dom_lim.beg_label_seq_id'     
12 4 'Structure model' '_struct_ncs_dom_lim.end_auth_comp_id'     
13 4 'Structure model' '_struct_ncs_dom_lim.end_label_asym_id'    
14 4 'Structure model' '_struct_ncs_dom_lim.end_label_comp_id'    
15 4 'Structure model' '_struct_ncs_dom_lim.end_label_seq_id'     
# 
_pdbx_database_status.status_code                     REL 
_pdbx_database_status.status_code_sf                  REL 
_pdbx_database_status.status_code_mr                  ? 
_pdbx_database_status.entry_id                        6ODG 
_pdbx_database_status.recvd_initial_deposition_date   2019-03-26 
_pdbx_database_status.SG_entry                        N 
_pdbx_database_status.deposit_site                    RCSB 
_pdbx_database_status.process_site                    RCSB 
_pdbx_database_status.status_code_cs                  ? 
_pdbx_database_status.methods_development_category    ? 
_pdbx_database_status.pdb_format_compatible           Y 
_pdbx_database_status.status_code_nmr_data            ? 
# 
loop_
_audit_author.name 
_audit_author.pdbx_ordinal 
_audit_author.identifier_ORCID 
'Eisenberg, D.S.' 1 ? 
'Boyer, D.R.'     2 ? 
'Sawaya, M.R.'    3 ? 
'Seidler, P.M.'   4 ? 
# 
_citation.abstract                  ? 
_citation.abstract_id_CAS           ? 
_citation.book_id_ISBN              ? 
_citation.book_publisher            ? 
_citation.book_publisher_city       ? 
_citation.book_title                ? 
_citation.coordinate_linkage        ? 
_citation.country                   US 
_citation.database_id_Medline       ? 
_citation.details                   ? 
_citation.id                        primary 
_citation.journal_abbrev            J.Biol.Chem. 
_citation.journal_id_ASTM           JBCHA3 
_citation.journal_id_CSD            0071 
_citation.journal_id_ISSN           1083-351X 
_citation.journal_full              ? 
_citation.journal_issue             ? 
_citation.journal_volume            294 
_citation.language                  ? 
_citation.page_first                16451 
_citation.page_last                 16464 
_citation.title                     
;Structure-based inhibitors halt prion-like seeding by Alzheimer's disease-and tauopathy-derived brain tissue samples.
;
_citation.year                      2019 
_citation.database_id_CSD           ? 
_citation.pdbx_database_id_DOI      10.1074/jbc.RA119.009688 
_citation.pdbx_database_id_PubMed   31537646 
_citation.unpublished_flag          ? 
# 
loop_
_citation_author.citation_id 
_citation_author.name 
_citation_author.ordinal 
_citation_author.identifier_ORCID 
primary 'Seidler, P.M.'   1  0000-0001-8530-7244 
primary 'Boyer, D.R.'     2  ?                   
primary 'Murray, K.A.'    3  ?                   
primary 'Yang, T.P.'      4  ?                   
primary 'Bentzel, M.'     5  ?                   
primary 'Sawaya, M.R.'    6  0000-0003-0874-9043 
primary 'Rosenberg, G.'   7  ?                   
primary 'Cascio, D.'      8  ?                   
primary 'Williams, C.K.'  9  ?                   
primary 'Newell, K.L.'    10 ?                   
primary 'Ghetti, B.'      11 ?                   
primary 'DeTure, M.A.'    12 ?                   
primary 'Dickson, D.W.'   13 ?                   
primary 'Vinters, H.V.'   14 ?                   
primary 'Eisenberg, D.S.' 15 0000-0003-2432-5419 
# 
loop_
_entity.id 
_entity.type 
_entity.src_method 
_entity.pdbx_description 
_entity.formula_weight 
_entity.pdbx_number_of_molecules 
_entity.pdbx_ec 
_entity.pdbx_mutation 
_entity.pdbx_fragment 
_entity.details 
1 polymer syn 'Microtubule-associated protein tau' 707.815 2 ? ? 'UNP residues 622-627' ? 
2 water   nat water                                18.015  2 ? ? ?                      ? 
# 
_entity_name_com.entity_id   1 
_entity_name_com.name        'Neurofibrillary tangle protein, Paired helical filament-tau, PHF-tau' 
# 
_entity_poly.entity_id                      1 
_entity_poly.type                           'polypeptide(L)' 
_entity_poly.nstd_linkage                   no 
_entity_poly.nstd_monomer                   no 
_entity_poly.pdbx_seq_one_letter_code       SVQIVY 
_entity_poly.pdbx_seq_one_letter_code_can   SVQIVY 
_entity_poly.pdbx_strand_id                 A,B 
_entity_poly.pdbx_target_identifier         ? 
# 
_pdbx_entity_nonpoly.entity_id   2 
_pdbx_entity_nonpoly.name        water 
_pdbx_entity_nonpoly.comp_id     HOH 
# 
loop_
_entity_poly_seq.entity_id 
_entity_poly_seq.num 
_entity_poly_seq.mon_id 
_entity_poly_seq.hetero 
1 1 SER n 
1 2 VAL n 
1 3 GLN n 
1 4 ILE n 
1 5 VAL n 
1 6 TYR n 
# 
_pdbx_entity_src_syn.entity_id              1 
_pdbx_entity_src_syn.pdbx_src_id            1 
_pdbx_entity_src_syn.pdbx_alt_source_flag   sample 
_pdbx_entity_src_syn.pdbx_beg_seq_num       1 
_pdbx_entity_src_syn.pdbx_end_seq_num       6 
_pdbx_entity_src_syn.organism_scientific    'Homo sapiens' 
_pdbx_entity_src_syn.organism_common_name   Human 
_pdbx_entity_src_syn.ncbi_taxonomy_id       9606 
_pdbx_entity_src_syn.details                ? 
# 
loop_
_chem_comp.id 
_chem_comp.type 
_chem_comp.mon_nstd_flag 
_chem_comp.name 
_chem_comp.pdbx_synonyms 
_chem_comp.formula 
_chem_comp.formula_weight 
GLN 'L-peptide linking' y GLUTAMINE  ? 'C5 H10 N2 O3' 146.144 
HOH non-polymer         . WATER      ? 'H2 O'         18.015  
ILE 'L-peptide linking' y ISOLEUCINE ? 'C6 H13 N O2'  131.173 
SER 'L-peptide linking' y SERINE     ? 'C3 H7 N O3'   105.093 
TYR 'L-peptide linking' y TYROSINE   ? 'C9 H11 N O3'  181.189 
VAL 'L-peptide linking' y VALINE     ? 'C5 H11 N O2'  117.146 
# 
loop_
_pdbx_poly_seq_scheme.asym_id 
_pdbx_poly_seq_scheme.entity_id 
_pdbx_poly_seq_scheme.seq_id 
_pdbx_poly_seq_scheme.mon_id 
_pdbx_poly_seq_scheme.ndb_seq_num 
_pdbx_poly_seq_scheme.pdb_seq_num 
_pdbx_poly_seq_scheme.auth_seq_num 
_pdbx_poly_seq_scheme.pdb_mon_id 
_pdbx_poly_seq_scheme.auth_mon_id 
_pdbx_poly_seq_scheme.pdb_strand_id 
_pdbx_poly_seq_scheme.pdb_ins_code 
_pdbx_poly_seq_scheme.hetero 
A 1 1 SER 1 1 1 SER SER A . n 
A 1 2 VAL 2 2 2 VAL VAL A . n 
A 1 3 GLN 3 3 3 GLN GLN A . n 
A 1 4 ILE 4 4 4 ILE ILE A . n 
A 1 5 VAL 5 5 5 VAL VAL A . n 
A 1 6 TYR 6 6 6 TYR TYR A . n 
B 1 1 SER 1 1 1 SER SER B . n 
B 1 2 VAL 2 2 2 VAL VAL B . n 
B 1 3 GLN 3 3 3 GLN GLN B . n 
B 1 4 ILE 4 4 4 ILE ILE B . n 
B 1 5 VAL 5 5 5 VAL VAL B . n 
B 1 6 TYR 6 6 6 TYR TYR B . n 
# 
loop_
_pdbx_nonpoly_scheme.asym_id 
_pdbx_nonpoly_scheme.entity_id 
_pdbx_nonpoly_scheme.mon_id 
_pdbx_nonpoly_scheme.ndb_seq_num 
_pdbx_nonpoly_scheme.pdb_seq_num 
_pdbx_nonpoly_scheme.auth_seq_num 
_pdbx_nonpoly_scheme.pdb_mon_id 
_pdbx_nonpoly_scheme.auth_mon_id 
_pdbx_nonpoly_scheme.pdb_strand_id 
_pdbx_nonpoly_scheme.pdb_ins_code 
C 2 HOH 1 101 2 HOH HOH A . 
D 2 HOH 1 101 1 HOH HOH B . 
# 
loop_
_software.citation_id 
_software.classification 
_software.compiler_name 
_software.compiler_version 
_software.contact_author 
_software.contact_author_email 
_software.date 
_software.description 
_software.dependencies 
_software.hardware 
_software.language 
_software.location 
_software.mods 
_software.name 
_software.os 
_software.os_version 
_software.type 
_software.version 
_software.pdbx_ordinal 
? refinement       ? ? ? ? ? ? ? ? ? ? ? PHENIX ? ? ? . 1 
? 'data reduction' ? ? ? ? ? ? ? ? ? ? ? XDS    ? ? ? . 2 
? 'data scaling'   ? ? ? ? ? ? ? ? ? ? ? XSCALE ? ? ? . 3 
? phasing          ? ? ? ? ? ? ? ? ? ? ? SHELXD ? ? ? . 4 
# 
_cell.angle_alpha                  90.000 
_cell.angle_alpha_esd              ? 
_cell.angle_beta                   92.950 
_cell.angle_beta_esd               ? 
_cell.angle_gamma                  90.000 
_cell.angle_gamma_esd              ? 
_cell.entry_id                     6ODG 
_cell.details                      ? 
_cell.formula_units_Z              ? 
_cell.length_a                     4.710 
_cell.length_a_esd                 ? 
_cell.length_b                     37.500 
_cell.length_b_esd                 ? 
_cell.length_c                     21.110 
_cell.length_c_esd                 ? 
_cell.volume                       ? 
_cell.volume_esd                   ? 
_cell.Z_PDB                        4 
_cell.reciprocal_angle_alpha       ? 
_cell.reciprocal_angle_beta        ? 
_cell.reciprocal_angle_gamma       ? 
_cell.reciprocal_angle_alpha_esd   ? 
_cell.reciprocal_angle_beta_esd    ? 
_cell.reciprocal_angle_gamma_esd   ? 
_cell.reciprocal_length_a          ? 
_cell.reciprocal_length_b          ? 
_cell.reciprocal_length_c          ? 
_cell.reciprocal_length_a_esd      ? 
_cell.reciprocal_length_b_esd      ? 
_cell.reciprocal_length_c_esd      ? 
_cell.pdbx_unique_axis             ? 
# 
_symmetry.entry_id                         6ODG 
_symmetry.cell_setting                     ? 
_symmetry.Int_Tables_number                4 
_symmetry.space_group_name_Hall            ? 
_symmetry.space_group_name_H-M             'P 1 21 1' 
_symmetry.pdbx_full_space_group_name_H-M   ? 
# 
_exptl.absorpt_coefficient_mu     ? 
_exptl.absorpt_correction_T_max   ? 
_exptl.absorpt_correction_T_min   ? 
_exptl.absorpt_correction_type    ? 
_exptl.absorpt_process_details    ? 
_exptl.entry_id                   6ODG 
_exptl.crystals_number            1 
_exptl.details                    ? 
_exptl.method                     'X-RAY DIFFRACTION' 
_exptl.method_details             ? 
# 
_exptl_crystal.colour                      ? 
_exptl_crystal.density_diffrn              ? 
_exptl_crystal.density_Matthews            1.32 
_exptl_crystal.density_method              ? 
_exptl_crystal.density_percent_sol         6.48 
_exptl_crystal.description                 ? 
_exptl_crystal.F_000                       ? 
_exptl_crystal.id                          1 
_exptl_crystal.preparation                 ? 
_exptl_crystal.size_max                    ? 
_exptl_crystal.size_mid                    ? 
_exptl_crystal.size_min                    ? 
_exptl_crystal.size_rad                    ? 
_exptl_crystal.colour_lustre               ? 
_exptl_crystal.colour_modifier             ? 
_exptl_crystal.colour_primary              ? 
_exptl_crystal.density_meas                ? 
_exptl_crystal.density_meas_esd            ? 
_exptl_crystal.density_meas_gt             ? 
_exptl_crystal.density_meas_lt             ? 
_exptl_crystal.density_meas_temp           ? 
_exptl_crystal.density_meas_temp_esd       ? 
_exptl_crystal.density_meas_temp_gt        ? 
_exptl_crystal.density_meas_temp_lt        ? 
_exptl_crystal.pdbx_crystal_image_url      ? 
_exptl_crystal.pdbx_crystal_image_format   ? 
_exptl_crystal.pdbx_mosaicity              ? 
_exptl_crystal.pdbx_mosaicity_esd          ? 
# 
_exptl_crystal_grow.apparatus       ? 
_exptl_crystal_grow.atmosphere      ? 
_exptl_crystal_grow.crystal_id      1 
_exptl_crystal_grow.details         ? 
_exptl_crystal_grow.method          'BATCH MODE' 
_exptl_crystal_grow.method_ref      ? 
_exptl_crystal_grow.pH              ? 
_exptl_crystal_grow.pressure        ? 
_exptl_crystal_grow.pressure_esd    ? 
_exptl_crystal_grow.seeding         ? 
_exptl_crystal_grow.seeding_ref     ? 
_exptl_crystal_grow.temp            291 
_exptl_crystal_grow.temp_details    ? 
_exptl_crystal_grow.temp_esd        ? 
_exptl_crystal_grow.time            ? 
_exptl_crystal_grow.pdbx_details    '3.3 mg/mL SVQIVY, 0.667 M DL-malic acid, pH 7.0, 8% w/v PEG3350' 
_exptl_crystal_grow.pdbx_pH_range   ? 
# 
_diffrn.ambient_environment              ? 
_diffrn.ambient_temp                     93 
_diffrn.ambient_temp_details             ? 
_diffrn.ambient_temp_esd                 ? 
_diffrn.crystal_id                       1 
_diffrn.crystal_support                  ? 
_diffrn.crystal_treatment                ? 
_diffrn.details                          ? 
_diffrn.id                               1 
_diffrn.ambient_pressure                 ? 
_diffrn.ambient_pressure_esd             ? 
_diffrn.ambient_pressure_gt              ? 
_diffrn.ambient_pressure_lt              ? 
_diffrn.ambient_temp_gt                  ? 
_diffrn.ambient_temp_lt                  ? 
_diffrn.pdbx_serial_crystal_experiment   N 
# 
_diffrn_detector.details                      ? 
_diffrn_detector.detector                     PIXEL 
_diffrn_detector.diffrn_id                    1 
_diffrn_detector.type                         'DECTRIS EIGER X 16M' 
_diffrn_detector.area_resol_mean              ? 
_diffrn_detector.dtime                        ? 
_diffrn_detector.pdbx_frames_total            ? 
_diffrn_detector.pdbx_collection_time_total   ? 
_diffrn_detector.pdbx_collection_date         2017-09-01 
_diffrn_detector.pdbx_frequency               ? 
# 
_diffrn_radiation.collimation                      ? 
_diffrn_radiation.diffrn_id                        1 
_diffrn_radiation.filter_edge                      ? 
_diffrn_radiation.inhomogeneity                    ? 
_diffrn_radiation.monochromator                    'Cryogenically-cooled single crystal Si(220) side bounce' 
_diffrn_radiation.polarisn_norm                    ? 
_diffrn_radiation.polarisn_ratio                   ? 
_diffrn_radiation.probe                            ? 
_diffrn_radiation.type                             ? 
_diffrn_radiation.xray_symbol                      ? 
_diffrn_radiation.wavelength_id                    1 
_diffrn_radiation.pdbx_monochromatic_or_laue_m_l   M 
_diffrn_radiation.pdbx_wavelength_list             ? 
_diffrn_radiation.pdbx_wavelength                  ? 
_diffrn_radiation.pdbx_diffrn_protocol             'SINGLE WAVELENGTH' 
_diffrn_radiation.pdbx_analyzer                    ? 
_diffrn_radiation.pdbx_scattering_type             x-ray 
# 
_diffrn_radiation_wavelength.id           1 
_diffrn_radiation_wavelength.wavelength   0.979 
_diffrn_radiation_wavelength.wt           1.0 
# 
_diffrn_source.current                     ? 
_diffrn_source.details                     ? 
_diffrn_source.diffrn_id                   1 
_diffrn_source.power                       ? 
_diffrn_source.size                        ? 
_diffrn_source.source                      SYNCHROTRON 
_diffrn_source.target                      ? 
_diffrn_source.type                        'APS BEAMLINE 24-ID-E' 
_diffrn_source.voltage                     ? 
_diffrn_source.take-off_angle              ? 
_diffrn_source.pdbx_wavelength_list        0.979 
_diffrn_source.pdbx_wavelength             ? 
_diffrn_source.pdbx_synchrotron_beamline   24-ID-E 
_diffrn_source.pdbx_synchrotron_site       APS 
# 
_reflns.B_iso_Wilson_estimate            6.640 
_reflns.entry_id                         6ODG 
_reflns.data_reduction_details           ? 
_reflns.data_reduction_method            ? 
_reflns.d_resolution_high                1.000 
_reflns.d_resolution_low                 18.750 
_reflns.details                          ? 
_reflns.limit_h_max                      ? 
_reflns.limit_h_min                      ? 
_reflns.limit_k_max                      ? 
_reflns.limit_k_min                      ? 
_reflns.limit_l_max                      ? 
_reflns.limit_l_min                      ? 
_reflns.number_all                       ? 
_reflns.number_obs                       3392 
_reflns.observed_criterion               ? 
_reflns.observed_criterion_F_max         ? 
_reflns.observed_criterion_F_min         ? 
_reflns.observed_criterion_I_max         ? 
_reflns.observed_criterion_I_min         ? 
_reflns.observed_criterion_sigma_F       ? 
_reflns.observed_criterion_sigma_I       ? 
_reflns.percent_possible_obs             85.200 
_reflns.R_free_details                   ? 
_reflns.Rmerge_F_all                     ? 
_reflns.Rmerge_F_obs                     ? 
_reflns.Friedel_coverage                 ? 
_reflns.number_gt                        ? 
_reflns.threshold_expression             ? 
_reflns.pdbx_redundancy                  7.783 
_reflns.pdbx_Rmerge_I_obs                0.319 
_reflns.pdbx_Rmerge_I_all                ? 
_reflns.pdbx_Rsym_value                  ? 
_reflns.pdbx_netI_over_av_sigmaI         ? 
_reflns.pdbx_netI_over_sigmaI            3.570 
_reflns.pdbx_res_netI_over_av_sigmaI_2   ? 
_reflns.pdbx_res_netI_over_sigmaI_2      ? 
_reflns.pdbx_chi_squared                 0.769 
_reflns.pdbx_scaling_rejects             13 
_reflns.pdbx_d_res_high_opt              ? 
_reflns.pdbx_d_res_low_opt               ? 
_reflns.pdbx_d_res_opt_method            ? 
_reflns.phase_calculation_details        ? 
_reflns.pdbx_Rrim_I_all                  0.337 
_reflns.pdbx_Rpim_I_all                  ? 
_reflns.pdbx_d_opt                       ? 
_reflns.pdbx_number_measured_all         26400 
_reflns.pdbx_diffrn_id                   1 
_reflns.pdbx_ordinal                     1 
_reflns.pdbx_CC_half                     0.985 
_reflns.pdbx_R_split                     ? 
# 
loop_
_reflns_shell.d_res_high 
_reflns_shell.d_res_low 
_reflns_shell.meanI_over_sigI_all 
_reflns_shell.meanI_over_sigI_obs 
_reflns_shell.number_measured_all 
_reflns_shell.number_measured_obs 
_reflns_shell.number_possible 
_reflns_shell.number_unique_all 
_reflns_shell.number_unique_obs 
_reflns_shell.percent_possible_all 
_reflns_shell.percent_possible_obs 
_reflns_shell.Rmerge_F_all 
_reflns_shell.Rmerge_F_obs 
_reflns_shell.Rmerge_I_all 
_reflns_shell.Rmerge_I_obs 
_reflns_shell.meanI_over_sigI_gt 
_reflns_shell.meanI_over_uI_all 
_reflns_shell.meanI_over_uI_gt 
_reflns_shell.number_measured_gt 
_reflns_shell.number_unique_gt 
_reflns_shell.percent_possible_gt 
_reflns_shell.Rmerge_F_gt 
_reflns_shell.Rmerge_I_gt 
_reflns_shell.pdbx_redundancy 
_reflns_shell.pdbx_Rsym_value 
_reflns_shell.pdbx_chi_squared 
_reflns_shell.pdbx_netI_over_sigmaI_all 
_reflns_shell.pdbx_netI_over_sigmaI_obs 
_reflns_shell.pdbx_Rrim_I_all 
_reflns_shell.pdbx_Rpim_I_all 
_reflns_shell.pdbx_rejects 
_reflns_shell.pdbx_ordinal 
_reflns_shell.pdbx_diffrn_id 
_reflns_shell.pdbx_CC_half 
_reflns_shell.pdbx_R_split 
1.000 1.030  ? 1.120 ? ? ? ? 186 64.800 ? ? ? ? 0.754 ? ? ? ? ? ? ? ? 5.011  ? ? ? ? 0.831 ? ? 1  1 0.851 ? 
1.030 1.050  ? 1.640 ? ? ? ? 215 75.700 ? ? ? ? 0.656 ? ? ? ? ? ? ? ? 5.219  ? ? ? ? 0.725 ? ? 2  1 0.700 ? 
1.050 1.080  ? 1.740 ? ? ? ? 206 74.900 ? ? ? ? 0.676 ? ? ? ? ? ? ? ? 5.592  ? ? ? ? 0.741 ? ? 3  1 0.693 ? 
1.080 1.120  ? 2.010 ? ? ? ? 246 87.500 ? ? ? ? 0.617 ? ? ? ? ? ? ? ? 6.163  ? ? ? ? 0.669 ? ? 4  1 0.794 ? 
1.120 1.160  ? 1.910 ? ? ? ? 257 89.900 ? ? ? ? 0.711 ? ? ? ? ? ? ? ? 7.412  ? ? ? ? 0.758 ? ? 5  1 0.726 ? 
1.160 1.200  ? 2.250 ? ? ? ? 234 90.300 ? ? ? ? 0.678 ? ? ? ? ? ? ? ? 9.124  ? ? ? ? 0.714 ? ? 6  1 0.824 ? 
1.200 1.240  ? 2.400 ? ? ? ? 201 88.200 ? ? ? ? 0.593 ? ? ? ? ? ? ? ? 7.836  ? ? ? ? 0.631 ? ? 7  1 0.852 ? 
1.240 1.290  ? 3.000 ? ? ? ? 189 88.700 ? ? ? ? 0.498 ? ? ? ? ? ? ? ? 8.339  ? ? ? ? 0.528 ? ? 8  1 0.871 ? 
1.290 1.350  ? 2.810 ? ? ? ? 202 90.600 ? ? ? ? 0.567 ? ? ? ? ? ? ? ? 8.317  ? ? ? ? 0.601 ? ? 9  1 0.829 ? 
1.350 1.410  ? 2.770 ? ? ? ? 193 87.700 ? ? ? ? 0.526 ? ? ? ? ? ? ? ? 8.497  ? ? ? ? 0.558 ? ? 10 1 0.959 ? 
1.410 1.490  ? 4.060 ? ? ? ? 201 91.800 ? ? ? ? 0.468 ? ? ? ? ? ? ? ? 9.662  ? ? ? ? 0.491 ? ? 11 1 0.873 ? 
1.490 1.580  ? 5.400 ? ? ? ? 194 90.700 ? ? ? ? 0.380 ? ? ? ? ? ? ? ? 10.098 ? ? ? ? 0.396 ? ? 12 1 0.973 ? 
1.580 1.690  ? 4.080 ? ? ? ? 137 87.300 ? ? ? ? 0.393 ? ? ? ? ? ? ? ? 7.650  ? ? ? ? 0.418 ? ? 13 1 0.939 ? 
1.690 1.830  ? 5.480 ? ? ? ? 144 87.300 ? ? ? ? 0.339 ? ? ? ? ? ? ? ? 8.083  ? ? ? ? 0.361 ? ? 14 1 0.923 ? 
1.830 2.000  ? 6.470 ? ? ? ? 142 88.800 ? ? ? ? 0.352 ? ? ? ? ? ? ? ? 8.648  ? ? ? ? 0.375 ? ? 15 1 0.917 ? 
2.000 2.240  ? 7.200 ? ? ? ? 140 90.900 ? ? ? ? 0.284 ? ? ? ? ? ? ? ? 8.843  ? ? ? ? 0.301 ? ? 16 1 0.959 ? 
2.240 2.580  ? 7.110 ? ? ? ? 109 88.600 ? ? ? ? 0.424 ? ? ? ? ? ? ? ? 8.927  ? ? ? ? 0.444 ? ? 17 1 0.973 ? 
2.580 3.160  ? 7.030 ? ? ? ? 85  87.600 ? ? ? ? 0.213 ? ? ? ? ? ? ? ? 7.294  ? ? ? ? 0.227 ? ? 18 1 0.997 ? 
3.160 4.470  ? 9.210 ? ? ? ? 84  87.500 ? ? ? ? 0.224 ? ? ? ? ? ? ? ? 9.298  ? ? ? ? 0.238 ? ? 19 1 0.983 ? 
4.470 18.750 ? 8.180 ? ? ? ? 27  65.900 ? ? ? ? 0.223 ? ? ? ? ? ? ? ? 7.926  ? ? ? ? 0.232 ? ? 20 1 0.989 ? 
# 
_refine.aniso_B[1][1]                            ? 
_refine.aniso_B[1][2]                            ? 
_refine.aniso_B[1][3]                            ? 
_refine.aniso_B[2][2]                            ? 
_refine.aniso_B[2][3]                            ? 
_refine.aniso_B[3][3]                            ? 
_refine.B_iso_max                                20.590 
_refine.B_iso_mean                               7.5434 
_refine.B_iso_min                                2.460 
_refine.correlation_coeff_Fo_to_Fc               ? 
_refine.correlation_coeff_Fo_to_Fc_free          ? 
_refine.details                                  ? 
_refine.diff_density_max                         ? 
_refine.diff_density_max_esd                     ? 
_refine.diff_density_min                         ? 
_refine.diff_density_min_esd                     ? 
_refine.diff_density_rms                         ? 
_refine.diff_density_rms_esd                     ? 
_refine.entry_id                                 6ODG 
_refine.pdbx_refine_id                           'X-RAY DIFFRACTION' 
_refine.ls_abs_structure_details                 ? 
_refine.ls_abs_structure_Flack                   ? 
_refine.ls_abs_structure_Flack_esd               ? 
_refine.ls_abs_structure_Rogers                  ? 
_refine.ls_abs_structure_Rogers_esd              ? 
_refine.ls_d_res_high                            1.0000 
_refine.ls_d_res_low                             18.7500 
_refine.ls_extinction_coef                       ? 
_refine.ls_extinction_coef_esd                   ? 
_refine.ls_extinction_expression                 ? 
_refine.ls_extinction_method                     ? 
_refine.ls_goodness_of_fit_all                   ? 
_refine.ls_goodness_of_fit_all_esd               ? 
_refine.ls_goodness_of_fit_obs                   ? 
_refine.ls_goodness_of_fit_obs_esd               ? 
_refine.ls_hydrogen_treatment                    ? 
_refine.ls_matrix_type                           ? 
_refine.ls_number_constraints                    ? 
_refine.ls_number_parameters                     ? 
_refine.ls_number_reflns_all                     ? 
_refine.ls_number_reflns_obs                     3380 
_refine.ls_number_reflns_R_free                  339 
_refine.ls_number_reflns_R_work                  ? 
_refine.ls_number_restraints                     ? 
_refine.ls_percent_reflns_obs                    84.9200 
_refine.ls_percent_reflns_R_free                 10.0300 
_refine.ls_R_factor_all                          ? 
_refine.ls_R_factor_obs                          0.2469 
_refine.ls_R_factor_R_free                       0.2663 
_refine.ls_R_factor_R_free_error                 ? 
_refine.ls_R_factor_R_free_error_details         ? 
_refine.ls_R_factor_R_work                       0.2447 
_refine.ls_R_Fsqd_factor_obs                     ? 
_refine.ls_R_I_factor_obs                        ? 
_refine.ls_redundancy_reflns_all                 ? 
_refine.ls_redundancy_reflns_obs                 ? 
_refine.ls_restrained_S_all                      ? 
_refine.ls_restrained_S_obs                      ? 
_refine.ls_shift_over_esd_max                    ? 
_refine.ls_shift_over_esd_mean                   ? 
_refine.ls_structure_factor_coef                 ? 
_refine.ls_weighting_details                     ? 
_refine.ls_weighting_scheme                      ? 
_refine.ls_wR_factor_all                         ? 
_refine.ls_wR_factor_obs                         ? 
_refine.ls_wR_factor_R_free                      ? 
_refine.ls_wR_factor_R_work                      ? 
_refine.occupancy_max                            ? 
_refine.occupancy_min                            ? 
_refine.solvent_model_details                    ? 
_refine.solvent_model_param_bsol                 ? 
_refine.solvent_model_param_ksol                 ? 
_refine.ls_R_factor_gt                           ? 
_refine.ls_goodness_of_fit_gt                    ? 
_refine.ls_goodness_of_fit_ref                   ? 
_refine.ls_shift_over_su_max                     ? 
_refine.ls_shift_over_su_max_lt                  ? 
_refine.ls_shift_over_su_mean                    ? 
_refine.ls_shift_over_su_mean_lt                 ? 
_refine.pdbx_ls_sigma_I                          ? 
_refine.pdbx_ls_sigma_F                          1.370 
_refine.pdbx_ls_sigma_Fsqd                       ? 
_refine.pdbx_data_cutoff_high_absF               ? 
_refine.pdbx_data_cutoff_high_rms_absF           ? 
_refine.pdbx_data_cutoff_low_absF                ? 
_refine.pdbx_isotropic_thermal_model             ? 
_refine.pdbx_ls_cross_valid_method               THROUGHOUT 
_refine.pdbx_method_to_determine_struct          'AB INITIO PHASING' 
_refine.pdbx_starting_model                      ? 
_refine.pdbx_stereochemistry_target_values       ? 
_refine.pdbx_R_Free_selection_details            ? 
_refine.pdbx_stereochem_target_val_spec_case     ? 
_refine.pdbx_overall_ESU_R                       ? 
_refine.pdbx_overall_ESU_R_Free                  ? 
_refine.pdbx_solvent_vdw_probe_radii             1.1100 
_refine.pdbx_solvent_ion_probe_radii             ? 
_refine.pdbx_solvent_shrinkage_radii             0.9000 
_refine.pdbx_real_space_R                        ? 
_refine.pdbx_density_correlation                 ? 
_refine.pdbx_pd_number_of_powder_patterns        ? 
_refine.pdbx_pd_number_of_points                 ? 
_refine.pdbx_pd_meas_number_of_points            ? 
_refine.pdbx_pd_proc_ls_prof_R_factor            ? 
_refine.pdbx_pd_proc_ls_prof_wR_factor           ? 
_refine.pdbx_pd_Marquardt_correlation_coeff      ? 
_refine.pdbx_pd_Fsqrd_R_factor                   ? 
_refine.pdbx_pd_ls_matrix_band_width             ? 
_refine.pdbx_overall_phase_error                 37.6300 
_refine.pdbx_overall_SU_R_free_Cruickshank_DPI   ? 
_refine.pdbx_overall_SU_R_free_Blow_DPI          ? 
_refine.pdbx_overall_SU_R_Blow_DPI               ? 
_refine.pdbx_TLS_residual_ADP_flag               ? 
_refine.pdbx_diffrn_id                           1 
_refine.overall_SU_B                             ? 
_refine.overall_SU_ML                            0.1300 
_refine.overall_SU_R_Cruickshank_DPI             ? 
_refine.overall_SU_R_free                        ? 
_refine.overall_FOM_free_R_set                   ? 
_refine.overall_FOM_work_R_set                   ? 
_refine.pdbx_average_fsc_overall                 ? 
_refine.pdbx_average_fsc_work                    ? 
_refine.pdbx_average_fsc_free                    ? 
# 
_refine_hist.pdbx_refine_id                   'X-RAY DIFFRACTION' 
_refine_hist.cycle_id                         final 
_refine_hist.details                          ? 
_refine_hist.d_res_high                       1.0000 
_refine_hist.d_res_low                        18.7500 
_refine_hist.number_atoms_solvent             2 
_refine_hist.number_atoms_total               102 
_refine_hist.number_reflns_all                ? 
_refine_hist.number_reflns_obs                ? 
_refine_hist.number_reflns_R_free             ? 
_refine_hist.number_reflns_R_work             ? 
_refine_hist.R_factor_all                     ? 
_refine_hist.R_factor_obs                     ? 
_refine_hist.R_factor_R_free                  ? 
_refine_hist.R_factor_R_work                  ? 
_refine_hist.pdbx_number_residues_total       12 
_refine_hist.pdbx_B_iso_mean_ligand           ? 
_refine_hist.pdbx_B_iso_mean_solvent          16.62 
_refine_hist.pdbx_number_atoms_protein        100 
_refine_hist.pdbx_number_atoms_nucleic_acid   0 
_refine_hist.pdbx_number_atoms_ligand         0 
_refine_hist.pdbx_number_atoms_lipid          ? 
_refine_hist.pdbx_number_atoms_carb           ? 
_refine_hist.pdbx_pseudo_atom_details         ? 
# 
loop_
_refine_ls_restr.pdbx_refine_id 
_refine_ls_restr.criterion 
_refine_ls_restr.dev_ideal 
_refine_ls_restr.dev_ideal_target 
_refine_ls_restr.number 
_refine_ls_restr.rejects 
_refine_ls_restr.type 
_refine_ls_restr.weight 
_refine_ls_restr.pdbx_restraint_function 
'X-RAY DIFFRACTION' ? 0.015  ? 100 ? f_bond_d           ? ? 
'X-RAY DIFFRACTION' ? 1.337  ? 136 ? f_angle_d          ? ? 
'X-RAY DIFFRACTION' ? 0.070  ? 18  ? f_chiral_restr     ? ? 
'X-RAY DIFFRACTION' ? 0.010  ? 16  ? f_plane_restr      ? ? 
'X-RAY DIFFRACTION' ? 20.091 ? 34  ? f_dihedral_angle_d ? ? 
# 
loop_
_refine_ls_restr_ncs.pdbx_refine_id 
_refine_ls_restr_ncs.dom_id 
_refine_ls_restr_ncs.ncs_model_details 
_refine_ls_restr_ncs.rms_dev_B_iso 
_refine_ls_restr_ncs.rms_dev_position 
_refine_ls_restr_ncs.weight_B_iso 
_refine_ls_restr_ncs.weight_position 
_refine_ls_restr_ncs.pdbx_ordinal 
_refine_ls_restr_ncs.pdbx_type 
_refine_ls_restr_ncs.pdbx_asym_id 
_refine_ls_restr_ncs.pdbx_auth_asym_id 
_refine_ls_restr_ncs.pdbx_number 
_refine_ls_restr_ncs.pdbx_rms 
_refine_ls_restr_ncs.pdbx_weight 
_refine_ls_restr_ncs.pdbx_ens_id 
'X-RAY DIFFRACTION' 1 ? ? ? ? ? 1 TORSIONAL ? A 66 12.410 ? 1 
'X-RAY DIFFRACTION' 2 ? ? ? ? ? 2 TORSIONAL ? B 66 12.410 ? 1 
# 
loop_
_refine_ls_shell.pdbx_refine_id 
_refine_ls_shell.d_res_high 
_refine_ls_shell.d_res_low 
_refine_ls_shell.number_reflns_all 
_refine_ls_shell.number_reflns_obs 
_refine_ls_shell.number_reflns_R_free 
_refine_ls_shell.number_reflns_R_work 
_refine_ls_shell.percent_reflns_obs 
_refine_ls_shell.percent_reflns_R_free 
_refine_ls_shell.R_factor_all 
_refine_ls_shell.R_factor_obs 
_refine_ls_shell.R_factor_R_free 
_refine_ls_shell.R_factor_R_free_error 
_refine_ls_shell.R_factor_R_work 
_refine_ls_shell.redundancy_reflns_all 
_refine_ls_shell.redundancy_reflns_obs 
_refine_ls_shell.wR_factor_all 
_refine_ls_shell.wR_factor_obs 
_refine_ls_shell.wR_factor_R_free 
_refine_ls_shell.wR_factor_R_work 
_refine_ls_shell.pdbx_total_number_of_bins_used 
_refine_ls_shell.pdbx_phase_error 
_refine_ls_shell.pdbx_fsc_work 
_refine_ls_shell.pdbx_fsc_free 
'X-RAY DIFFRACTION' 1.0003 1.2602  1612 . 162 1450 81.0000 . . . 0.3619 0.0000 0.3012 . . . . . . 2 . . . 
'X-RAY DIFFRACTION' 1.2602 18.7533 1768 . 177 1591 88.0000 . . . 0.2304 0.0000 0.2235 . . . . . . 2 . . . 
# 
loop_
_struct_ncs_dom.pdbx_ens_id 
_struct_ncs_dom.id 
_struct_ncs_dom.details 
1 1 'chain A' 
1 2 'chain B' 
# 
loop_
_struct_ncs_dom_lim.pdbx_ens_id 
_struct_ncs_dom_lim.dom_id 
_struct_ncs_dom_lim.pdbx_component_id 
_struct_ncs_dom_lim.beg_label_asym_id 
_struct_ncs_dom_lim.beg_label_comp_id 
_struct_ncs_dom_lim.beg_label_seq_id 
_struct_ncs_dom_lim.beg_label_alt_id 
_struct_ncs_dom_lim.end_label_asym_id 
_struct_ncs_dom_lim.end_label_comp_id 
_struct_ncs_dom_lim.end_label_seq_id 
_struct_ncs_dom_lim.end_label_alt_id 
_struct_ncs_dom_lim.beg_auth_asym_id 
_struct_ncs_dom_lim.beg_auth_comp_id 
_struct_ncs_dom_lim.beg_auth_seq_id 
_struct_ncs_dom_lim.end_auth_asym_id 
_struct_ncs_dom_lim.end_auth_comp_id 
_struct_ncs_dom_lim.end_auth_seq_id 
_struct_ncs_dom_lim.pdbx_refine_code 
_struct_ncs_dom_lim.selection_details 
1 1 1 A SER 1 . A TYR 6 . A SER 1 A TYR 6 ? 'chain A' 
1 2 1 B SER 1 . B TYR 6 . B SER 1 B TYR 6 ? 'chain B' 
# 
_struct_ncs_ens.id        1 
_struct_ncs_ens.details   ? 
# 
_struct.entry_id                     6ODG 
_struct.title                        'SVQIVY, Crystal Structure of a tau protein fragment' 
_struct.pdbx_model_details           ? 
_struct.pdbx_formula_weight          ? 
_struct.pdbx_formula_weight_method   ? 
_struct.pdbx_model_type_details      ? 
_struct.pdbx_CASP_flag               N 
# 
_struct_keywords.entry_id        6ODG 
_struct_keywords.text            'Amyloid, Tau, MicroED, protein fibril' 
_struct_keywords.pdbx_keywords   'PROTEIN FIBRIL' 
# 
loop_
_struct_asym.id 
_struct_asym.pdbx_blank_PDB_chainid_flag 
_struct_asym.pdbx_modified 
_struct_asym.entity_id 
_struct_asym.details 
A N N 1 ? 
B N N 1 ? 
C N N 2 ? 
D N N 2 ? 
# 
_struct_ref.id                         1 
_struct_ref.db_name                    UNP 
_struct_ref.db_code                    TAU_HUMAN 
_struct_ref.pdbx_db_accession          P10636 
_struct_ref.pdbx_db_isoform            ? 
_struct_ref.entity_id                  1 
_struct_ref.pdbx_seq_one_letter_code   SVQIVY 
_struct_ref.pdbx_align_begin           622 
# 
loop_
_struct_ref_seq.align_id 
_struct_ref_seq.ref_id 
_struct_ref_seq.pdbx_PDB_id_code 
_struct_ref_seq.pdbx_strand_id 
_struct_ref_seq.seq_align_beg 
_struct_ref_seq.pdbx_seq_align_beg_ins_code 
_struct_ref_seq.seq_align_end 
_struct_ref_seq.pdbx_seq_align_end_ins_code 
_struct_ref_seq.pdbx_db_accession 
_struct_ref_seq.db_align_beg 
_struct_ref_seq.pdbx_db_align_beg_ins_code 
_struct_ref_seq.db_align_end 
_struct_ref_seq.pdbx_db_align_end_ins_code 
_struct_ref_seq.pdbx_auth_seq_align_beg 
_struct_ref_seq.pdbx_auth_seq_align_end 
1 1 6ODG A 1 ? 6 ? P10636 622 ? 627 ? 1 6 
2 1 6ODG B 1 ? 6 ? P10636 622 ? 627 ? 1 6 
# 
_pdbx_struct_assembly.id                   1 
_pdbx_struct_assembly.details              author_defined_assembly 
_pdbx_struct_assembly.method_details       ? 
_pdbx_struct_assembly.oligomeric_details   decameric 
_pdbx_struct_assembly.oligomeric_count     10 
# 
loop_
_pdbx_struct_assembly_gen.assembly_id 
_pdbx_struct_assembly_gen.oper_expression 
_pdbx_struct_assembly_gen.asym_id_list 
1 1 A,B,C,D 
1 2 A,B,C,D 
1 3 A,B,C,D 
1 4 A,B,C,D 
1 5 A,B,C,D 
# 
_pdbx_struct_assembly_auth_evidence.id                     1 
_pdbx_struct_assembly_auth_evidence.assembly_id            1 
_pdbx_struct_assembly_auth_evidence.experimental_support   none 
_pdbx_struct_assembly_auth_evidence.details                ? 
# 
loop_
_pdbx_struct_oper_list.id 
_pdbx_struct_oper_list.type 
_pdbx_struct_oper_list.name 
_pdbx_struct_oper_list.symmetry_operation 
_pdbx_struct_oper_list.matrix[1][1] 
_pdbx_struct_oper_list.matrix[1][2] 
_pdbx_struct_oper_list.matrix[1][3] 
_pdbx_struct_oper_list.vector[1] 
_pdbx_struct_oper_list.matrix[2][1] 
_pdbx_struct_oper_list.matrix[2][2] 
_pdbx_struct_oper_list.matrix[2][3] 
_pdbx_struct_oper_list.vector[2] 
_pdbx_struct_oper_list.matrix[3][1] 
_pdbx_struct_oper_list.matrix[3][2] 
_pdbx_struct_oper_list.matrix[3][3] 
_pdbx_struct_oper_list.vector[3] 
1 'identity operation'         1_555 x,y,z   1.0000000000 0.0000000000 0.0000000000 0.0000000000   0.0000000000 1.0000000000 0.0000000000 0.0000000000   0.0000000000 0.0000000000 1.0000000000 0.0000000000  
2 'crystal symmetry operation' 1_655 x+1,y,z 1.0000000000 0.0000000000 0.0000000000 -2.7432098702  0.0000000000 1.0000000000 0.0000000000 -3.6915455544  0.0000000000 0.0000000000 1.0000000000 -1.0155742355 
3 'crystal symmetry operation' 1_755 x+2,y,z 1.0000000000 0.0000000000 0.0000000000 -5.4864197403  0.0000000000 1.0000000000 0.0000000000 -7.3830911088  0.0000000000 0.0000000000 1.0000000000 -2.0311484711 
4 'crystal symmetry operation' 1_855 x+3,y,z 1.0000000000 0.0000000000 0.0000000000 -8.2296296105  0.0000000000 1.0000000000 0.0000000000 -11.0746366633 0.0000000000 0.0000000000 1.0000000000 -3.0467227066 
5 'crystal symmetry operation' 1_955 x+4,y,z 1.0000000000 0.0000000000 0.0000000000 -10.9728394806 0.0000000000 1.0000000000 0.0000000000 -14.7661822177 0.0000000000 0.0000000000 1.0000000000 -4.0622969421 
# 
loop_
_chem_comp_atom.comp_id 
_chem_comp_atom.atom_id 
_chem_comp_atom.type_symbol 
_chem_comp_atom.pdbx_aromatic_flag 
_chem_comp_atom.pdbx_stereo_config 
_chem_comp_atom.pdbx_ordinal 
GLN N    N N N 1   
GLN CA   C N S 2   
GLN C    C N N 3   
GLN O    O N N 4   
GLN CB   C N N 5   
GLN CG   C N N 6   
GLN CD   C N N 7   
GLN OE1  O N N 8   
GLN NE2  N N N 9   
GLN OXT  O N N 10  
GLN H    H N N 11  
GLN H2   H N N 12  
GLN HA   H N N 13  
GLN HB2  H N N 14  
GLN HB3  H N N 15  
GLN HG2  H N N 16  
GLN HG3  H N N 17  
GLN HE21 H N N 18  
GLN HE22 H N N 19  
GLN HXT  H N N 20  
HOH O    O N N 21  
HOH H1   H N N 22  
HOH H2   H N N 23  
ILE N    N N N 24  
ILE CA   C N S 25  
ILE C    C N N 26  
ILE O    O N N 27  
ILE CB   C N S 28  
ILE CG1  C N N 29  
ILE CG2  C N N 30  
ILE CD1  C N N 31  
ILE OXT  O N N 32  
ILE H    H N N 33  
ILE H2   H N N 34  
ILE HA   H N N 35  
ILE HB   H N N 36  
ILE HG12 H N N 37  
ILE HG13 H N N 38  
ILE HG21 H N N 39  
ILE HG22 H N N 40  
ILE HG23 H N N 41  
ILE HD11 H N N 42  
ILE HD12 H N N 43  
ILE HD13 H N N 44  
ILE HXT  H N N 45  
SER N    N N N 46  
SER CA   C N S 47  
SER C    C N N 48  
SER O    O N N 49  
SER CB   C N N 50  
SER OG   O N N 51  
SER OXT  O N N 52  
SER H    H N N 53  
SER H2   H N N 54  
SER HA   H N N 55  
SER HB2  H N N 56  
SER HB3  H N N 57  
SER HG   H N N 58  
SER HXT  H N N 59  
TYR N    N N N 60  
TYR CA   C N S 61  
TYR C    C N N 62  
TYR O    O N N 63  
TYR CB   C N N 64  
TYR CG   C Y N 65  
TYR CD1  C Y N 66  
TYR CD2  C Y N 67  
TYR CE1  C Y N 68  
TYR CE2  C Y N 69  
TYR CZ   C Y N 70  
TYR OH   O N N 71  
TYR OXT  O N N 72  
TYR H    H N N 73  
TYR H2   H N N 74  
TYR HA   H N N 75  
TYR HB2  H N N 76  
TYR HB3  H N N 77  
TYR HD1  H N N 78  
TYR HD2  H N N 79  
TYR HE1  H N N 80  
TYR HE2  H N N 81  
TYR HH   H N N 82  
TYR HXT  H N N 83  
VAL N    N N N 84  
VAL CA   C N S 85  
VAL C    C N N 86  
VAL O    O N N 87  
VAL CB   C N N 88  
VAL CG1  C N N 89  
VAL CG2  C N N 90  
VAL OXT  O N N 91  
VAL H    H N N 92  
VAL H2   H N N 93  
VAL HA   H N N 94  
VAL HB   H N N 95  
VAL HG11 H N N 96  
VAL HG12 H N N 97  
VAL HG13 H N N 98  
VAL HG21 H N N 99  
VAL HG22 H N N 100 
VAL HG23 H N N 101 
VAL HXT  H N N 102 
# 
loop_
_chem_comp_bond.comp_id 
_chem_comp_bond.atom_id_1 
_chem_comp_bond.atom_id_2 
_chem_comp_bond.value_order 
_chem_comp_bond.pdbx_aromatic_flag 
_chem_comp_bond.pdbx_stereo_config 
_chem_comp_bond.pdbx_ordinal 
GLN N   CA   sing N N 1  
GLN N   H    sing N N 2  
GLN N   H2   sing N N 3  
GLN CA  C    sing N N 4  
GLN CA  CB   sing N N 5  
GLN CA  HA   sing N N 6  
GLN C   O    doub N N 7  
GLN C   OXT  sing N N 8  
GLN CB  CG   sing N N 9  
GLN CB  HB2  sing N N 10 
GLN CB  HB3  sing N N 11 
GLN CG  CD   sing N N 12 
GLN CG  HG2  sing N N 13 
GLN CG  HG3  sing N N 14 
GLN CD  OE1  doub N N 15 
GLN CD  NE2  sing N N 16 
GLN NE2 HE21 sing N N 17 
GLN NE2 HE22 sing N N 18 
GLN OXT HXT  sing N N 19 
HOH O   H1   sing N N 20 
HOH O   H2   sing N N 21 
ILE N   CA   sing N N 22 
ILE N   H    sing N N 23 
ILE N   H2   sing N N 24 
ILE CA  C    sing N N 25 
ILE CA  CB   sing N N 26 
ILE CA  HA   sing N N 27 
ILE C   O    doub N N 28 
ILE C   OXT  sing N N 29 
ILE CB  CG1  sing N N 30 
ILE CB  CG2  sing N N 31 
ILE CB  HB   sing N N 32 
ILE CG1 CD1  sing N N 33 
ILE CG1 HG12 sing N N 34 
ILE CG1 HG13 sing N N 35 
ILE CG2 HG21 sing N N 36 
ILE CG2 HG22 sing N N 37 
ILE CG2 HG23 sing N N 38 
ILE CD1 HD11 sing N N 39 
ILE CD1 HD12 sing N N 40 
ILE CD1 HD13 sing N N 41 
ILE OXT HXT  sing N N 42 
SER N   CA   sing N N 43 
SER N   H    sing N N 44 
SER N   H2   sing N N 45 
SER CA  C    sing N N 46 
SER CA  CB   sing N N 47 
SER CA  HA   sing N N 48 
SER C   O    doub N N 49 
SER C   OXT  sing N N 50 
SER CB  OG   sing N N 51 
SER CB  HB2  sing N N 52 
SER CB  HB3  sing N N 53 
SER OG  HG   sing N N 54 
SER OXT HXT  sing N N 55 
TYR N   CA   sing N N 56 
TYR N   H    sing N N 57 
TYR N   H2   sing N N 58 
TYR CA  C    sing N N 59 
TYR CA  CB   sing N N 60 
TYR CA  HA   sing N N 61 
TYR C   O    doub N N 62 
TYR C   OXT  sing N N 63 
TYR CB  CG   sing N N 64 
TYR CB  HB2  sing N N 65 
TYR CB  HB3  sing N N 66 
TYR CG  CD1  doub Y N 67 
TYR CG  CD2  sing Y N 68 
TYR CD1 CE1  sing Y N 69 
TYR CD1 HD1  sing N N 70 
TYR CD2 CE2  doub Y N 71 
TYR CD2 HD2  sing N N 72 
TYR CE1 CZ   doub Y N 73 
TYR CE1 HE1  sing N N 74 
TYR CE2 CZ   sing Y N 75 
TYR CE2 HE2  sing N N 76 
TYR CZ  OH   sing N N 77 
TYR OH  HH   sing N N 78 
TYR OXT HXT  sing N N 79 
VAL N   CA   sing N N 80 
VAL N   H    sing N N 81 
VAL N   H2   sing N N 82 
VAL CA  C    sing N N 83 
VAL CA  CB   sing N N 84 
VAL CA  HA   sing N N 85 
VAL C   O    doub N N 86 
VAL C   OXT  sing N N 87 
VAL CB  CG1  sing N N 88 
VAL CB  CG2  sing N N 89 
VAL CB  HB   sing N N 90 
VAL CG1 HG11 sing N N 91 
VAL CG1 HG12 sing N N 92 
VAL CG1 HG13 sing N N 93 
VAL CG2 HG21 sing N N 94 
VAL CG2 HG22 sing N N 95 
VAL CG2 HG23 sing N N 96 
VAL OXT HXT  sing N N 97 
# 
_pdbx_audit_support.funding_organization   'National Institutes of Health/National Institute on Aging (NIH/NIA)' 
_pdbx_audit_support.country                'United States' 
_pdbx_audit_support.grant_number           AG0543022 
_pdbx_audit_support.ordinal                1 
# 
_atom_sites.entry_id                    6ODG 
_atom_sites.fract_transf_matrix[1][1]   -0.11667499 
_atom_sites.fract_transf_matrix[1][2]   -0.16943628 
_atom_sites.fract_transf_matrix[1][3]   -0.05361814 
_atom_sites.fract_transf_matrix[2][1]   -0.01339981 
_atom_sites.fract_transf_matrix[2][2]   0.01481708 
_atom_sites.fract_transf_matrix[2][3]   -0.01766432 
_atom_sites.fract_transf_matrix[3][1]   0.03030922 
_atom_sites.fract_transf_matrix[3][2]   -0.01316067 
_atom_sites.fract_transf_matrix[3][3]   -0.03403134 
_atom_sites.fract_transf_vector[1]      0.298532 
_atom_sites.fract_transf_vector[2]      0.216900 
_atom_sites.fract_transf_vector[3]      -0.098390 
# 
loop_
_atom_type.symbol 
C 
H 
N 
O 
# 
loop_
_atom_site.group_PDB 
_atom_site.id 
_atom_site.type_symbol 
_atom_site.label_atom_id 
_atom_site.label_alt_id 
_atom_site.label_comp_id 
_atom_site.label_asym_id 
_atom_site.label_entity_id 
_atom_site.label_seq_id 
_atom_site.pdbx_PDB_ins_code 
_atom_site.Cartn_x 
_atom_site.Cartn_y 
_atom_site.Cartn_z 
_atom_site.occupancy 
_atom_site.B_iso_or_equiv 
_atom_site.pdbx_formal_charge 
_atom_site.auth_seq_id 
_atom_site.auth_comp_id 
_atom_site.auth_asym_id 
_atom_site.auth_atom_id 
_atom_site.pdbx_PDB_model_num 
ATOM   1   N N    . SER A 1 1 ? 5.890  -5.781 -4.765  1.00 9.47  ? 1   SER A N    1 
ATOM   2   C CA   . SER A 1 1 ? 5.778  -4.787 -3.715  1.00 6.93  ? 1   SER A CA   1 
ATOM   3   C C    . SER A 1 1 ? 4.927  -5.270 -2.558  1.00 6.19  ? 1   SER A C    1 
ATOM   4   O O    . SER A 1 1 ? 4.111  -6.173 -2.717  1.00 8.02  ? 1   SER A O    1 
ATOM   5   C CB   . SER A 1 1 ? 5.208  -3.491 -4.278  1.00 9.44  ? 1   SER A CB   1 
ATOM   6   O OG   . SER A 1 1 ? 3.925  -3.668 -4.852  1.00 14.54 ? 1   SER A OG   1 
ATOM   7   H H1   . SER A 1 1 ? 5.752  -5.625 -6.018  1.00 11.79 ? 1   SER A H1   1 
ATOM   8   H H2   . SER A 1 1 ? 6.727  -6.561 -5.199  1.00 11.79 ? 1   SER A H2   1 
ATOM   9   H H3   . SER A 1 1 ? 5.270  -6.679 -4.880  1.00 11.79 ? 1   SER A H3   1 
ATOM   10  H HA   . SER A 1 1 ? 6.767  -4.569 -3.318  1.00 8.74  ? 1   SER A HA   1 
ATOM   11  H HB2  . SER A 1 1 ? 5.114  -2.760 -3.476  1.00 11.75 ? 1   SER A HB2  1 
ATOM   12  H HB3  . SER A 1 1 ? 5.878  -3.116 -5.049  1.00 11.75 ? 1   SER A HB3  1 
ATOM   13  H HG   . SER A 1 1 ? 3.381  -2.856 -4.680  1.00 17.87 ? 1   SER A HG   1 
ATOM   14  N N    . VAL A 1 2 ? 5.107  -4.643 -1.399  1.00 5.58  ? 2   VAL A N    1 
ATOM   15  C CA   . VAL A 1 2 ? 4.395  -4.975 -0.175  1.00 6.04  ? 2   VAL A CA   1 
ATOM   16  C C    . VAL A 1 2 ? 3.605  -3.791 0.285   1.00 4.78  ? 2   VAL A C    1 
ATOM   17  O O    . VAL A 1 2 ? 4.170  -2.707 0.445   1.00 3.87  ? 2   VAL A O    1 
ATOM   18  C CB   . VAL A 1 2 ? 5.388  -5.368 0.927   1.00 7.76  ? 2   VAL A CB   1 
ATOM   19  C CG1  . VAL A 1 2 ? 4.682  -5.575 2.261   1.00 7.42  ? 2   VAL A CG1  1 
ATOM   20  C CG2  . VAL A 1 2 ? 6.162  -6.593 0.519   1.00 8.22  ? 2   VAL A CG2  1 
ATOM   21  H H    . VAL A 1 2 ? 5.763  -3.877 -1.276  1.00 7.11  ? 2   VAL A H    1 
ATOM   22  H HA   . VAL A 1 2 ? 3.739  -5.828 -0.329  1.00 7.67  ? 2   VAL A HA   1 
ATOM   23  H HB   . VAL A 1 2 ? 6.098  -4.553 1.057   1.00 9.73  ? 2   VAL A HB   1 
ATOM   24  H HG11 . VAL A 1 2 ? 5.318  -6.168 2.915   1.00 9.32  ? 2   VAL A HG11 1 
ATOM   25  H HG12 . VAL A 1 2 ? 4.518  -4.603 2.725   1.00 9.32  ? 2   VAL A HG12 1 
ATOM   26  H HG13 . VAL A 1 2 ? 3.732  -6.081 2.094   1.00 9.32  ? 2   VAL A HG13 1 
ATOM   27  H HG21 . VAL A 1 2 ? 6.824  -6.892 1.330   1.00 10.29 ? 2   VAL A HG21 1 
ATOM   28  H HG22 . VAL A 1 2 ? 5.473  -7.400 0.278   1.00 10.29 ? 2   VAL A HG22 1 
ATOM   29  H HG23 . VAL A 1 2 ? 6.747  -6.334 -0.361  1.00 10.29 ? 2   VAL A HG23 1 
ATOM   30  N N    . GLN A 1 3 ? 2.342  -4.021 0.622   1.00 4.29  ? 3   GLN A N    1 
ATOM   31  C CA   . GLN A 1 3 ? 1.518  -2.988 1.185   1.00 3.65  ? 3   GLN A CA   1 
ATOM   32  C C    . GLN A 1 3 ? 0.804  -3.583 2.372   1.00 3.65  ? 3   GLN A C    1 
ATOM   33  O O    . GLN A 1 3 ? 0.150  -4.614 2.247   1.00 4.13  ? 3   GLN A O    1 
ATOM   34  C CB   . GLN A 1 3 ? 0.536  -2.483 0.162   1.00 5.30  ? 3   GLN A CB   1 
ATOM   35  C CG   . GLN A 1 3 ? -0.300 -1.378 0.708   1.00 2.81  ? 3   GLN A CG   1 
ATOM   36  C CD   . GLN A 1 3 ? -1.311 -0.990 -0.312  1.00 3.00  ? 3   GLN A CD   1 
ATOM   37  O OE1  . GLN A 1 3 ? -2.058 -1.831 -0.794  1.00 4.44  ? 3   GLN A OE1  1 
ATOM   38  N NE2  . GLN A 1 3 ? -1.317 0.257  -0.731  1.00 5.81  ? 3   GLN A NE2  1 
ATOM   39  H H    . GLN A 1 3 ? 1.853  -4.896 0.460   1.00 5.57  ? 3   GLN A H    1 
ATOM   40  H HA   . GLN A 1 3 ? 2.117  -2.136 1.498   1.00 4.80  ? 3   GLN A HA   1 
ATOM   41  H HB2  . GLN A 1 3 ? 1.088  -2.081 -0.685  1.00 6.78  ? 3   GLN A HB2  1 
ATOM   42  H HB3  . GLN A 1 3 ? -0.098 -3.312 -0.152  1.00 6.78  ? 3   GLN A HB3  1 
ATOM   43  H HG2  . GLN A 1 3 ? -0.848 -1.711 1.587   1.00 3.80  ? 3   GLN A HG2  1 
ATOM   44  H HG3  . GLN A 1 3 ? 0.336  -0.534 0.964   1.00 3.80  ? 3   GLN A HG3  1 
ATOM   45  H HE21 . GLN A 1 3 ? -0.630 0.920  -0.390  1.00 7.39  ? 3   GLN A HE21 1 
ATOM   46  H HE22 . GLN A 1 3 ? -1.996 0.552  -1.426  1.00 7.39  ? 3   GLN A HE22 1 
ATOM   47  N N    . ILE A 1 4 ? 0.958  -2.953 3.532   1.00 3.19  ? 4   ILE A N    1 
ATOM   48  C CA   . ILE A 1 4 ? 0.366  -3.419 4.770   1.00 4.65  ? 4   ILE A CA   1 
ATOM   49  C C    . ILE A 1 4 ? -0.376 -2.274 5.364   1.00 2.46  ? 4   ILE A C    1 
ATOM   50  O O    . ILE A 1 4 ? 0.221  -1.222 5.587   1.00 2.72  ? 4   ILE A O    1 
ATOM   51  C CB   . ILE A 1 4 ? 1.451  -3.935 5.722   1.00 5.10  ? 4   ILE A CB   1 
ATOM   52  C CG1  . ILE A 1 4 ? 2.316  -4.990 5.018   1.00 6.08  ? 4   ILE A CG1  1 
ATOM   53  C CG2  . ILE A 1 4 ? 0.829  -4.502 6.996   1.00 9.70  ? 4   ILE A CG2  1 
ATOM   54  C CD1  . ILE A 1 4 ? 3.533  -5.359 5.758   1.00 4.41  ? 4   ILE A CD1  1 
ATOM   55  H H    . ILE A 1 4 ? 1.506  -2.107 3.650   1.00 4.25  ? 4   ILE A H    1 
ATOM   56  H HA   . ILE A 1 4 ? -0.312 -4.249 4.589   1.00 6.00  ? 4   ILE A HA   1 
ATOM   57  H HB   . ILE A 1 4 ? 2.084  -3.093 5.997   1.00 6.54  ? 4   ILE A HB   1 
ATOM   58  H HG12 . ILE A 1 4 ? 1.722  -5.887 4.855   1.00 7.71  ? 4   ILE A HG12 1 
ATOM   59  H HG13 . ILE A 1 4 ? 2.671  -4.611 4.064   1.00 7.71  ? 4   ILE A HG13 1 
ATOM   60  H HG21 . ILE A 1 4 ? 1.617  -4.710 7.717   1.00 12.06 ? 4   ILE A HG21 1 
ATOM   61  H HG22 . ILE A 1 4 ? 0.129  -3.787 7.423   1.00 12.06 ? 4   ILE A HG22 1 
ATOM   62  H HG23 . ILE A 1 4 ? 0.303  -5.422 6.746   1.00 12.06 ? 4   ILE A HG23 1 
ATOM   63  H HD11 . ILE A 1 4 ? 4.188  -5.947 5.116   1.00 5.71  ? 4   ILE A HD11 1 
ATOM   64  H HD12 . ILE A 1 4 ? 4.033  -4.438 6.054   1.00 5.71  ? 4   ILE A HD12 1 
ATOM   65  H HD13 . ILE A 1 4 ? 3.269  -5.933 6.644   1.00 5.71  ? 4   ILE A HD13 1 
ATOM   66  N N    . VAL A 1 5 ? -1.666 -2.454 5.618   1.00 2.66  ? 5   VAL A N    1 
ATOM   67  C CA   . VAL A 1 5 ? -2.483 -1.385 6.144   1.00 5.19  ? 5   VAL A CA   1 
ATOM   68  C C    . VAL A 1 5 ? -3.213 -1.844 7.375   1.00 5.97  ? 5   VAL A C    1 
ATOM   69  O O    . VAL A 1 5 ? -3.932 -2.832 7.323   1.00 5.98  ? 5   VAL A O    1 
ATOM   70  C CB   . VAL A 1 5 ? -3.472 -0.917 5.078   1.00 5.11  ? 5   VAL A CB   1 
ATOM   71  C CG1  . VAL A 1 5 ? -4.371 0.189  5.616   1.00 7.37  ? 5   VAL A CG1  1 
ATOM   72  C CG2  . VAL A 1 5 ? -2.728 -0.477 3.830   1.00 5.45  ? 5   VAL A CG2  1 
ATOM   73  H H    . VAL A 1 5 ? -2.176 -3.315 5.453   1.00 3.61  ? 5   VAL A H    1 
ATOM   74  H HA   . VAL A 1 5 ? -1.875 -0.523 6.408   1.00 6.64  ? 5   VAL A HA   1 
ATOM   75  H HB   . VAL A 1 5 ? -4.105 -1.760 4.803   1.00 6.56  ? 5   VAL A HB   1 
ATOM   76  H HG11 . VAL A 1 5 ? -4.849 0.703  4.782   1.00 9.27  ? 5   VAL A HG11 1 
ATOM   77  H HG12 . VAL A 1 5 ? -5.147 -0.242 6.248   1.00 9.27  ? 5   VAL A HG12 1 
ATOM   78  H HG13 . VAL A 1 5 ? -3.778 0.892  6.198   1.00 9.27  ? 5   VAL A HG13 1 
ATOM   79  H HG21 . VAL A 1 5 ? -3.427 -0.023 3.130   1.00 6.96  ? 5   VAL A HG21 1 
ATOM   80  H HG22 . VAL A 1 5 ? -1.956 0.235  4.117   1.00 6.96  ? 5   VAL A HG22 1 
ATOM   81  H HG23 . VAL A 1 5 ? -2.270 -1.348 3.365   1.00 6.96  ? 5   VAL A HG23 1 
ATOM   82  N N    . TYR A 1 6 ? -3.097 -1.086 8.459   1.00 7.00  ? 6   TYR A N    1 
ATOM   83  C CA   . TYR A 1 6 ? -3.795 -1.355 9.698   1.00 9.69  ? 6   TYR A CA   1 
ATOM   84  C C    . TYR A 1 6 ? -4.907 -0.336 9.918   1.00 15.27 ? 6   TYR A C    1 
ATOM   85  O O    . TYR A 1 6 ? -5.039 0.174  11.047  1.00 15.47 ? 6   TYR A O    1 
ATOM   86  C CB   . TYR A 1 6 ? -2.825 -1.368 10.877  1.00 6.42  ? 6   TYR A CB   1 
ATOM   87  C CG   . TYR A 1 6 ? -1.714 -2.383 10.754  1.00 6.36  ? 6   TYR A CG   1 
ATOM   88  C CD1  . TYR A 1 6 ? -0.503 -2.056 10.158  1.00 8.00  ? 6   TYR A CD1  1 
ATOM   89  C CD2  . TYR A 1 6 ? -1.886 -3.684 11.198  1.00 6.92  ? 6   TYR A CD2  1 
ATOM   90  C CE1  . TYR A 1 6 ? 0.523  -2.989 10.040  1.00 4.81  ? 6   TYR A CE1  1 
ATOM   91  C CE2  . TYR A 1 6 ? -0.859 -4.620 11.116  1.00 7.00  ? 6   TYR A CE2  1 
ATOM   92  C CZ   . TYR A 1 6 ? 0.342  -4.274 10.519  1.00 6.21  ? 6   TYR A CZ   1 
ATOM   93  O OH   . TYR A 1 6 ? 1.359  -5.189 10.380  1.00 8.43  ? 6   TYR A OH   1 
ATOM   94  O OXT  . TYR A 1 6 ? -5.689 -0.099 8.974   1.00 19.53 ? 6   TYR A OXT  1 
ATOM   95  H H    . TYR A 1 6 ? -2.499 -0.269 8.521   1.00 8.82  ? 6   TYR A H    1 
ATOM   96  H HA   . TYR A 1 6 ? -4.263 -2.335 9.660   1.00 12.05 ? 6   TYR A HA   1 
ATOM   97  H HB2  . TYR A 1 6 ? -2.389 -0.383 11.024  1.00 8.12  ? 6   TYR A HB2  1 
ATOM   98  H HB3  . TYR A 1 6 ? -3.412 -1.647 11.750  1.00 8.12  ? 6   TYR A HB3  1 
ATOM   99  H HD1  . TYR A 1 6 ? -0.333 -1.040 9.807   1.00 10.02 ? 6   TYR A HD1  1 
ATOM   100 H HD2  . TYR A 1 6 ? -2.837 -3.960 11.651  1.00 8.72  ? 6   TYR A HD2  1 
ATOM   101 H HE1  . TYR A 1 6 ? 1.475  -2.701 9.596   1.00 6.19  ? 6   TYR A HE1  1 
ATOM   102 H HE2  . TYR A 1 6 ? -1.034 -5.640 11.448  1.00 8.82  ? 6   TYR A HE2  1 
ATOM   103 H HH   . TYR A 1 6 ? 1.077  -6.091 10.687  1.00 10.53 ? 6   TYR A HH   1 
ATOM   104 N N    . SER B 1 1 ? 5.817  0.212  -8.396  1.00 11.86 ? 1   SER B N    1 
ATOM   105 C CA   . SER B 1 1 ? 4.406  0.090  -8.076  1.00 7.90  ? 1   SER B CA   1 
ATOM   106 C C    . SER B 1 1 ? 3.788  1.421  -7.716  1.00 6.59  ? 1   SER B C    1 
ATOM   107 O O    . SER B 1 1 ? 4.485  2.372  -7.388  1.00 7.39  ? 1   SER B O    1 
ATOM   108 C CB   . SER B 1 1 ? 4.230  -0.855 -6.893  1.00 7.99  ? 1   SER B CB   1 
ATOM   109 O OG   . SER B 1 1 ? 4.457  -2.188 -7.310  1.00 9.71  ? 1   SER B OG   1 
ATOM   110 H H1   . SER B 1 1 ? 6.306  -0.113 -9.396  1.00 14.65 ? 1   SER B H1   1 
ATOM   111 H H2   . SER B 1 1 ? 6.186  0.948  -8.320  1.00 14.65 ? 1   SER B H2   1 
ATOM   112 H H3   . SER B 1 1 ? 6.503  -0.449 -8.026  1.00 14.65 ? 1   SER B H3   1 
ATOM   113 H HA   . SER B 1 1 ? 3.887  -0.329 -8.936  1.00 9.90  ? 1   SER B HA   1 
ATOM   114 H HB2  . SER B 1 1 ? 4.955  -0.614 -6.117  1.00 10.01 ? 1   SER B HB2  1 
ATOM   115 H HB3  . SER B 1 1 ? 3.227  -0.770 -6.479  1.00 10.01 ? 1   SER B HB3  1 
ATOM   116 H HG   . SER B 1 1 ? 3.764  -2.778 -6.915  1.00 12.07 ? 1   SER B HG   1 
ATOM   117 N N    . VAL B 1 2 ? 2.466  1.479  -7.777  1.00 6.58  ? 2   VAL B N    1 
ATOM   118 C CA   . VAL B 1 2 ? 1.691  2.580  -7.261  1.00 6.38  ? 2   VAL B CA   1 
ATOM   119 C C    . VAL B 1 2 ? 1.011  1.974  -6.062  1.00 5.81  ? 2   VAL B C    1 
ATOM   120 O O    . VAL B 1 2 ? 0.316  0.962  -6.191  1.00 5.75  ? 2   VAL B O    1 
ATOM   121 C CB   . VAL B 1 2 ? 0.675  3.200  -8.215  1.00 6.08  ? 2   VAL B CB   1 
ATOM   122 C CG1  . VAL B 1 2 ? -0.134 4.283  -7.506  1.00 5.98  ? 2   VAL B CG1  1 
ATOM   123 C CG2  . VAL B 1 2 ? 1.378  3.772  -9.432  1.00 7.06  ? 2   VAL B CG2  1 
ATOM   124 H H    . VAL B 1 2 ? 1.897  0.752  -8.200  1.00 8.31  ? 2   VAL B H    1 
ATOM   125 H HA   . VAL B 1 2 ? 2.343  3.392  -6.949  1.00 8.08  ? 2   VAL B HA   1 
ATOM   126 H HB   . VAL B 1 2 ? -0.013 2.422  -8.543  1.00 7.71  ? 2   VAL B HB   1 
ATOM   127 H HG11 . VAL B 1 2 ? -0.796 4.762  -8.227  1.00 7.59  ? 2   VAL B HG11 1 
ATOM   128 H HG12 . VAL B 1 2 ? -0.730 3.844  -6.709  1.00 7.59  ? 2   VAL B HG12 1 
ATOM   129 H HG13 . VAL B 1 2 ? 0.553  5.022  -7.095  1.00 7.59  ? 2   VAL B HG13 1 
ATOM   130 H HG21 . VAL B 1 2 ? 0.634  4.100  -10.156 1.00 8.90  ? 2   VAL B HG21 1 
ATOM   131 H HG22 . VAL B 1 2 ? 1.982  4.617  -9.111  1.00 8.90  ? 2   VAL B HG22 1 
ATOM   132 H HG23 . VAL B 1 2 ? 2.024  3.011  -9.868  1.00 8.90  ? 2   VAL B HG23 1 
ATOM   133 N N    . GLN B 1 3 ? 1.211  2.587  -4.904  1.00 5.31  ? 3   GLN B N    1 
ATOM   134 C CA   . GLN B 1 3 ? 0.679  2.100  -3.659  1.00 4.77  ? 3   GLN B CA   1 
ATOM   135 C C    . GLN B 1 3 ? -0.032 3.240  -2.996  1.00 4.57  ? 3   GLN B C    1 
ATOM   136 O O    . GLN B 1 3 ? 0.592  4.232  -2.627  1.00 3.90  ? 3   GLN B O    1 
ATOM   137 C CB   . GLN B 1 3 ? 1.809  1.589  -2.798  1.00 4.80  ? 3   GLN B CB   1 
ATOM   138 C CG   . GLN B 1 3 ? 2.593  0.491  -3.465  1.00 5.72  ? 3   GLN B CG   1 
ATOM   139 C CD   . GLN B 1 3 ? 3.657  0.055  -2.519  1.00 5.39  ? 3   GLN B CD   1 
ATOM   140 O OE1  . GLN B 1 3 ? 4.596  0.796  -2.241  1.00 5.08  ? 3   GLN B OE1  1 
ATOM   141 N NE2  . GLN B 1 3 ? 3.520  -1.122 -1.947  1.00 8.40  ? 3   GLN B NE2  1 
ATOM   142 H H    . GLN B 1 3 ? 1.747  3.444  -4.799  1.00 6.79  ? 3   GLN B H    1 
ATOM   143 H HA   . GLN B 1 3 ? -0.007 1.271  -3.823  1.00 6.14  ? 3   GLN B HA   1 
ATOM   144 H HB2  . GLN B 1 3 ? 2.484  2.408  -2.552  1.00 6.18  ? 3   GLN B HB2  1 
ATOM   145 H HB3  . GLN B 1 3 ? 1.384  1.160  -1.894  1.00 6.18  ? 3   GLN B HB3  1 
ATOM   146 H HG2  . GLN B 1 3 ? 1.928  -0.335 -3.709  1.00 7.28  ? 3   GLN B HG2  1 
ATOM   147 H HG3  . GLN B 1 3 ? 3.089  0.859  -4.361  1.00 7.28  ? 3   GLN B HG3  1 
ATOM   148 H HE21 . GLN B 1 3 ? 2.737  -1.725 -2.181  1.00 10.50 ? 3   GLN B HE21 1 
ATOM   149 H HE22 . GLN B 1 3 ? 4.227  -1.448 -1.297  1.00 10.50 ? 3   GLN B HE22 1 
ATOM   150 N N    . ILE B 1 4 ? -1.339 3.133  -2.883  1.00 4.20  ? 4   ILE B N    1 
ATOM   151 C CA   . ILE B 1 4 ? -2.150 4.186  -2.313  1.00 3.19  ? 4   ILE B CA   1 
ATOM   152 C C    . ILE B 1 4 ? -2.940 3.630  -1.174  1.00 3.51  ? 4   ILE B C    1 
ATOM   153 O O    . ILE B 1 4 ? -3.596 2.600  -1.322  1.00 3.97  ? 4   ILE B O    1 
ATOM   154 C CB   . ILE B 1 4 ? -3.090 4.787  -3.357  1.00 3.52  ? 4   ILE B CB   1 
ATOM   155 C CG1  . ILE B 1 4 ? -2.287 5.282  -4.554  1.00 3.98  ? 4   ILE B CG1  1 
ATOM   156 C CG2  . ILE B 1 4 ? -3.925 5.902  -2.738  1.00 4.57  ? 4   ILE B CG2  1 
ATOM   157 C CD1  . ILE B 1 4 ? -3.094 5.738  -5.698  1.00 5.89  ? 4   ILE B CD1  1 
ATOM   158 H H    . ILE B 1 4 ? -1.876 2.328  -3.192  1.00 5.46  ? 4   ILE B H    1 
ATOM   159 H HA   . ILE B 1 4 ? -1.529 5.003  -1.956  1.00 4.25  ? 4   ILE B HA   1 
ATOM   160 H HB   . ILE B 1 4 ? -3.765 4.003  -3.697  1.00 4.64  ? 4   ILE B HB   1 
ATOM   161 H HG12 . ILE B 1 4 ? -1.655 6.109  -4.236  1.00 5.19  ? 4   ILE B HG12 1 
ATOM   162 H HG13 . ILE B 1 4 ? -1.666 4.471  -4.927  1.00 5.19  ? 4   ILE B HG13 1 
ATOM   163 H HG21 . ILE B 1 4 ? -4.647 6.259  -3.471  1.00 5.90  ? 4   ILE B HG21 1 
ATOM   164 H HG22 . ILE B 1 4 ? -4.472 5.550  -1.866  1.00 5.90  ? 4   ILE B HG22 1 
ATOM   165 H HG23 . ILE B 1 4 ? -3.254 6.710  -2.448  1.00 5.90  ? 4   ILE B HG23 1 
ATOM   166 H HD11 . ILE B 1 4 ? -2.440 5.850  -6.563  1.00 7.48  ? 4   ILE B HD11 1 
ATOM   167 H HD12 . ILE B 1 4 ? -3.864 4.997  -5.906  1.00 7.48  ? 4   ILE B HD12 1 
ATOM   168 H HD13 . ILE B 1 4 ? -3.550 6.696  -5.452  1.00 7.48  ? 4   ILE B HD13 1 
ATOM   169 N N    . VAL B 1 5 ? -2.939 4.337  -0.054  1.00 3.46  ? 5   VAL B N    1 
ATOM   170 C CA   . VAL B 1 5 ? -3.719 3.946  1.102   1.00 3.76  ? 5   VAL B CA   1 
ATOM   171 C C    . VAL B 1 5 ? -4.517 5.144  1.572   1.00 4.29  ? 5   VAL B C    1 
ATOM   172 O O    . VAL B 1 5 ? -3.947 6.201  1.801   1.00 6.80  ? 5   VAL B O    1 
ATOM   173 C CB   . VAL B 1 5 ? -2.810 3.440  2.213   1.00 4.31  ? 5   VAL B CB   1 
ATOM   174 C CG1  . VAL B 1 5 ? -3.625 3.105  3.440   1.00 4.26  ? 5   VAL B CG1  1 
ATOM   175 C CG2  . VAL B 1 5 ? -2.010 2.242  1.751   1.00 5.90  ? 5   VAL B CG2  1 
ATOM   176 H H    . VAL B 1 5 ? -2.400 5.184  0.095   1.00 4.58  ? 5   VAL B H    1 
ATOM   177 H HA   . VAL B 1 5 ? -4.397 3.133  0.853   1.00 4.93  ? 5   VAL B HA   1 
ATOM   178 H HB   . VAL B 1 5 ? -2.119 4.239  2.472   1.00 5.59  ? 5   VAL B HB   1 
ATOM   179 H HG11 . VAL B 1 5 ? -2.960 2.664  4.181   1.00 5.53  ? 5   VAL B HG11 1 
ATOM   180 H HG12 . VAL B 1 5 ? -4.065 4.011  3.853   1.00 5.53  ? 5   VAL B HG12 1 
ATOM   181 H HG13 . VAL B 1 5 ? -4.403 2.397  3.155   1.00 5.53  ? 5   VAL B HG13 1 
ATOM   182 H HG21 . VAL B 1 5 ? -1.375 1.882  2.559   1.00 7.50  ? 5   VAL B HG21 1 
ATOM   183 H HG22 . VAL B 1 5 ? -2.696 1.461  1.430   1.00 7.50  ? 5   VAL B HG22 1 
ATOM   184 H HG23 . VAL B 1 5 ? -1.401 2.560  0.909   1.00 7.50  ? 5   VAL B HG23 1 
ATOM   185 N N    . TYR B 1 6 ? -5.817 4.955  1.792   1.00 6.49  ? 6   TYR B N    1 
ATOM   186 C CA   . TYR B 1 6 ? -6.687 6.008  2.299   1.00 6.58  ? 6   TYR B CA   1 
ATOM   187 C C    . TYR B 1 6 ? -6.897 5.943  3.801   1.00 15.55 ? 6   TYR B C    1 
ATOM   188 O O    . TYR B 1 6 ? -6.235 5.130  4.475   1.00 20.59 ? 6   TYR B O    1 
ATOM   189 C CB   . TYR B 1 6 ? -8.013 5.970  1.585   1.00 5.58  ? 6   TYR B CB   1 
ATOM   190 C CG   . TYR B 1 6 ? -7.872 6.261  0.116   1.00 7.05  ? 6   TYR B CG   1 
ATOM   191 C CD1  . TYR B 1 6 ? -7.876 7.560  -0.352  1.00 7.94  ? 6   TYR B CD1  1 
ATOM   192 C CD2  . TYR B 1 6 ? -7.710 5.239  -0.806  1.00 6.71  ? 6   TYR B CD2  1 
ATOM   193 C CE1  . TYR B 1 6 ? -7.748 7.840  -1.705  1.00 9.19  ? 6   TYR B CE1  1 
ATOM   194 C CE2  . TYR B 1 6 ? -7.574 5.505  -2.160  1.00 6.52  ? 6   TYR B CE2  1 
ATOM   195 C CZ   . TYR B 1 6 ? -7.643 6.807  -2.613  1.00 8.50  ? 6   TYR B CZ   1 
ATOM   196 O OH   . TYR B 1 6 ? -7.509 7.084  -3.945  1.00 8.01  ? 6   TYR B OH   1 
ATOM   197 O OXT  . TYR B 1 6 ? -7.710 6.738  4.315   1.00 20.12 ? 6   TYR B OXT  1 
ATOM   198 H H    . TYR B 1 6 ? -6.298 4.075  1.632   1.00 8.21  ? 6   TYR B H    1 
ATOM   199 H HA   . TYR B 1 6 ? -6.257 6.980  2.071   1.00 8.31  ? 6   TYR B HA   1 
ATOM   200 H HB2  . TYR B 1 6 ? -8.477 5.000  1.741   1.00 7.11  ? 6   TYR B HB2  1 
ATOM   201 H HB3  . TYR B 1 6 ? -8.643 6.754  1.999   1.00 7.11  ? 6   TYR B HB3  1 
ATOM   202 H HD1  . TYR B 1 6 ? -7.949 8.367  0.373   1.00 9.94  ? 6   TYR B HD1  1 
ATOM   203 H HD2  . TYR B 1 6 ? -7.742 4.201  -0.482  1.00 8.47  ? 6   TYR B HD2  1 
ATOM   204 H HE1  . TYR B 1 6 ? -7.709 8.871  -2.045  1.00 11.45 ? 6   TYR B HE1  1 
ATOM   205 H HE2  . TYR B 1 6 ? -7.521 4.685  -2.873  1.00 8.24  ? 6   TYR B HE2  1 
ATOM   206 H HH   . TYR B 1 6 ? -7.833 6.302  -4.464  1.00 10.03 ? 6   TYR B HH   1 
HETATM 207 O O    . HOH C 2 . ? -5.088 -0.717 13.627  1.00 12.74 ? 101 HOH A O    1 
HETATM 208 O O    . HOH D 2 . ? -7.636 9.412  4.691   1.00 20.51 ? 101 HOH B O    1 
# 
loop_
_atom_site_anisotrop.id 
_atom_site_anisotrop.type_symbol 
_atom_site_anisotrop.pdbx_label_atom_id 
_atom_site_anisotrop.pdbx_label_alt_id 
_atom_site_anisotrop.pdbx_label_comp_id 
_atom_site_anisotrop.pdbx_label_asym_id 
_atom_site_anisotrop.pdbx_label_seq_id 
_atom_site_anisotrop.pdbx_PDB_ins_code 
_atom_site_anisotrop.U[1][1] 
_atom_site_anisotrop.U[2][2] 
_atom_site_anisotrop.U[3][3] 
_atom_site_anisotrop.U[1][2] 
_atom_site_anisotrop.U[1][3] 
_atom_site_anisotrop.U[2][3] 
_atom_site_anisotrop.pdbx_auth_seq_id 
_atom_site_anisotrop.pdbx_auth_comp_id 
_atom_site_anisotrop.pdbx_auth_asym_id 
_atom_site_anisotrop.pdbx_auth_atom_id 
1   N N   . SER A 1 ? 0.0847 0.0663 0.2088 0.0029  0.0128  0.0412  1   SER A N   
2   C CA  . SER A 1 ? 0.0543 0.0442 0.1649 -0.0051 -0.0142 0.0101  1   SER A CA  
3   C C   . SER A 1 ? 0.0512 0.0405 0.1433 -0.0069 -0.0188 0.0103  1   SER A C   
4   O O   . SER A 1 ? 0.0743 0.0486 0.1819 -0.0042 -0.0283 0.0108  1   SER A O   
5   C CB  . SER A 1 ? 0.0647 0.0935 0.2005 0.0159  -0.0308 0.0027  1   SER A CB  
6   O OG  . SER A 1 ? 0.1239 0.2044 0.2243 0.0828  -0.0163 0.0309  1   SER A OG  
14  N N   . VAL A 2 ? 0.0564 0.0369 0.1187 -0.0110 -0.0227 0.0090  2   VAL A N   
15  C CA  . VAL A 2 ? 0.0521 0.0477 0.1299 -0.0087 -0.0141 0.0317  2   VAL A CA  
16  C C   . VAL A 2 ? 0.0363 0.0302 0.1153 -0.0128 -0.0202 0.0322  2   VAL A C   
17  O O   . VAL A 2 ? 0.0277 0.0267 0.0926 -0.0013 -0.0238 0.0146  2   VAL A O   
18  C CB  . VAL A 2 ? 0.0628 0.0794 0.1525 0.0012  -0.0042 0.0586  2   VAL A CB  
19  C CG1 . VAL A 2 ? 0.0862 0.0531 0.1425 0.0145  -0.0086 0.0306  2   VAL A CG1 
20  C CG2 . VAL A 2 ? 0.1056 0.0855 0.1212 0.0218  -0.0243 0.0313  2   VAL A CG2 
30  N N   . GLN A 3 ? 0.0395 0.0308 0.0929 -0.0179 -0.0263 0.0322  3   GLN A N   
31  C CA  . GLN A 3 ? 0.0431 0.0371 0.0585 -0.0163 -0.0288 0.0311  3   GLN A CA  
32  C C   . GLN A 3 ? 0.0395 0.0300 0.0692 -0.0223 -0.0348 0.0187  3   GLN A C   
33  O O   . GLN A 3 ? 0.0433 0.0317 0.0818 -0.0071 -0.0408 0.0220  3   GLN A O   
34  C CB  . GLN A 3 ? 0.0391 0.0815 0.0807 -0.0113 -0.0168 0.0430  3   GLN A CB  
35  C CG  . GLN A 3 ? 0.0295 0.0203 0.0570 -0.0040 -0.0281 0.0213  3   GLN A CG  
36  C CD  . GLN A 3 ? 0.0236 0.0279 0.0626 -0.0060 -0.0260 0.0212  3   GLN A CD  
37  O OE1 . GLN A 3 ? 0.0424 0.0433 0.0832 0.0010  -0.0144 0.0281  3   GLN A OE1 
38  N NE2 . GLN A 3 ? 0.0546 0.0729 0.0933 -0.0137 -0.0252 0.0451  3   GLN A NE2 
47  N N   . ILE A 4 ? 0.0342 0.0315 0.0555 -0.0238 -0.0293 0.0195  4   ILE A N   
48  C CA  . ILE A 4 ? 0.0394 0.0761 0.0610 -0.0285 -0.0190 0.0393  4   ILE A CA  
49  C C   . ILE A 4 ? 0.0299 0.0274 0.0361 -0.0245 -0.0187 0.0172  4   ILE A C   
50  O O   . ILE A 4 ? 0.0393 0.0288 0.0351 -0.0142 -0.0261 0.0216  4   ILE A O   
51  C CB  . ILE A 4 ? 0.0463 0.0899 0.0577 -0.0289 -0.0307 0.0447  4   ILE A CB  
52  C CG1 . ILE A 4 ? 0.0648 0.0889 0.0770 -0.0089 -0.0237 0.0435  4   ILE A CG1 
53  C CG2 . ILE A 4 ? 0.1200 0.1713 0.0774 0.0134  -0.0280 0.0436  4   ILE A CG2 
54  C CD1 . ILE A 4 ? 0.0832 0.0297 0.0548 -0.0140 -0.0382 0.0106  4   ILE A CD1 
66  N N   . VAL A 5 ? 0.0260 0.0420 0.0329 -0.0218 -0.0216 0.0187  5   VAL A N   
67  C CA  . VAL A 5 ? 0.0390 0.1022 0.0559 -0.0166 -0.0169 0.0529  5   VAL A CA  
68  C C   . VAL A 5 ? 0.0396 0.1102 0.0769 -0.0182 -0.0129 0.0528  5   VAL A C   
69  O O   . VAL A 5 ? 0.0443 0.0957 0.0872 -0.0143 -0.0117 0.0537  5   VAL A O   
70  C CB  . VAL A 5 ? 0.0417 0.0833 0.0692 -0.0225 -0.0185 0.0437  5   VAL A CB  
71  C CG1 . VAL A 5 ? 0.0447 0.1340 0.1015 -0.0015 -0.0107 0.0775  5   VAL A CG1 
72  C CG2 . VAL A 5 ? 0.0431 0.0932 0.0708 -0.0221 -0.0176 0.0459  5   VAL A CG2 
82  N N   . TYR A 6 ? 0.0958 0.1003 0.0699 0.0137  -0.0193 0.0413  6   TYR A N   
83  C CA  . TYR A 6 ? 0.1275 0.1408 0.1000 0.0363  0.0097  0.0636  6   TYR A CA  
84  C C   . TYR A 6 ? 0.1408 0.2909 0.1482 0.0857  0.0421  0.1011  6   TYR A C   
85  O O   . TYR A 6 ? 0.1422 0.2845 0.1611 0.0849  0.0443  0.1082  6   TYR A O   
86  C CB  . TYR A 6 ? 0.0839 0.0748 0.0853 -0.0168 -0.0100 0.0458  6   TYR A CB  
87  C CG  . TYR A 6 ? 0.0902 0.0602 0.0912 -0.0312 -0.0234 0.0322  6   TYR A CG  
88  C CD1 . TYR A 6 ? 0.0666 0.1301 0.1072 -0.0279 -0.0266 0.0524  6   TYR A CD1 
89  C CD2 . TYR A 6 ? 0.0763 0.0766 0.1100 -0.0270 -0.0136 0.0459  6   TYR A CD2 
90  C CE1 . TYR A 6 ? 0.0691 0.0444 0.0694 -0.0240 -0.0212 -0.0059 6   TYR A CE1 
91  C CE2 . TYR A 6 ? 0.0847 0.0917 0.0896 -0.0174 -0.0458 0.0086  6   TYR A CE2 
92  C CZ  . TYR A 6 ? 0.0999 0.0628 0.0732 -0.0186 -0.0393 -0.0106 6   TYR A CZ  
93  O OH  . TYR A 6 ? 0.1225 0.1157 0.0819 -0.0103 -0.0447 0.0241  6   TYR A OH  
94  O OXT . TYR A 6 ? 0.1829 0.3678 0.1913 0.1311  0.0712  0.1264  6   TYR A OXT 
104 N N   . SER B 1 ? 0.0797 0.2700 0.1006 0.0029  -0.0158 0.0346  1   SER B N   
105 C CA  . SER B 1 ? 0.0777 0.1349 0.0876 -0.0455 -0.0287 0.0065  1   SER B CA  
106 C C   . SER B 1 ? 0.0737 0.0731 0.1035 -0.0398 -0.0072 0.0206  1   SER B C   
107 O O   . SER B 1 ? 0.0821 0.0855 0.1130 -0.0444 -0.0092 0.0274  1   SER B O   
108 C CB  . SER B 1 ? 0.0931 0.1152 0.0953 -0.0543 -0.0278 0.0038  1   SER B CB  
109 O OG  . SER B 1 ? 0.1438 0.1482 0.0768 -0.0304 -0.0416 -0.0245 1   SER B OG  
117 N N   . VAL B 2 ? 0.0885 0.0596 0.1018 -0.0362 -0.0170 0.0225  2   VAL B N   
118 C CA  . VAL B 2 ? 0.0813 0.0588 0.1024 -0.0339 -0.0237 0.0218  2   VAL B CA  
119 C C   . VAL B 2 ? 0.0694 0.0459 0.1053 -0.0223 -0.0276 0.0189  2   VAL B C   
120 O O   . VAL B 2 ? 0.0632 0.0541 0.1012 -0.0255 -0.0287 0.0231  2   VAL B O   
121 C CB  . VAL B 2 ? 0.0802 0.0662 0.0844 -0.0372 -0.0288 0.0088  2   VAL B CB  
122 C CG1 . VAL B 2 ? 0.0845 0.0617 0.0808 -0.0374 -0.0274 0.0102  2   VAL B CG1 
123 C CG2 . VAL B 2 ? 0.1041 0.0727 0.0915 -0.0450 -0.0349 0.0159  2   VAL B CG2 
133 N N   . GLN B 3 ? 0.0531 0.0472 0.1013 -0.0170 -0.0321 0.0290  3   GLN B N   
134 C CA  . GLN B 3 ? 0.0511 0.0400 0.0899 -0.0136 -0.0394 0.0246  3   GLN B CA  
135 C C   . GLN B 3 ? 0.0399 0.0432 0.0907 -0.0195 -0.0231 0.0420  3   GLN B C   
136 O O   . GLN B 3 ? 0.0439 0.0279 0.0766 -0.0216 -0.0342 0.0207  3   GLN B O   
137 C CB  . GLN B 3 ? 0.0529 0.0306 0.0991 -0.0212 -0.0421 0.0208  3   GLN B CB  
138 C CG  . GLN B 3 ? 0.0623 0.0412 0.1137 -0.0109 -0.0507 0.0175  3   GLN B CG  
139 C CD  . GLN B 3 ? 0.0622 0.0254 0.1171 -0.0129 -0.0462 0.0159  3   GLN B CD  
140 O OE1 . GLN B 3 ? 0.0554 0.0262 0.1116 -0.0121 -0.0444 0.0096  3   GLN B OE1 
141 N NE2 . GLN B 3 ? 0.0715 0.0856 0.1619 -0.0308 -0.0413 0.0724  3   GLN B NE2 
150 N N   . ILE B 4 ? 0.0416 0.0367 0.0814 -0.0131 -0.0283 0.0363  4   ILE B N   
151 C CA  . ILE B 4 ? 0.0305 0.0295 0.0613 -0.0116 -0.0314 0.0175  4   ILE B CA  
152 C C   . ILE B 4 ? 0.0343 0.0283 0.0707 -0.0096 -0.0347 0.0142  4   ILE B C   
153 O O   . ILE B 4 ? 0.0419 0.0253 0.0838 -0.0175 -0.0310 0.0223  4   ILE B O   
154 C CB  . ILE B 4 ? 0.0574 0.0132 0.0629 -0.0087 -0.0357 0.0092  4   ILE B CB  
155 C CG1 . ILE B 4 ? 0.0561 0.0200 0.0751 -0.0151 -0.0385 0.0126  4   ILE B CG1 
156 C CG2 . ILE B 4 ? 0.0694 0.0373 0.0669 -0.0062 -0.0401 0.0093  4   ILE B CG2 
157 C CD1 . ILE B 4 ? 0.0912 0.0335 0.0989 -0.0193 -0.0562 0.0171  4   ILE B CD1 
169 N N   . VAL B 5 ? 0.0380 0.0185 0.0751 -0.0166 -0.0304 0.0156  5   VAL B N   
170 C CA  . VAL B 5 ? 0.0420 0.0252 0.0756 -0.0054 -0.0340 0.0161  5   VAL B CA  
171 C C   . VAL B 5 ? 0.0493 0.0298 0.0841 -0.0064 -0.0330 0.0048  5   VAL B C   
172 O O   . VAL B 5 ? 0.0539 0.0623 0.1424 -0.0149 -0.0398 0.0437  5   VAL B O   
173 C CB  . VAL B 5 ? 0.0531 0.0336 0.0771 -0.0128 -0.0423 0.0156  5   VAL B CB  
174 C CG1 . VAL B 5 ? 0.0651 0.0284 0.0682 -0.0095 -0.0400 0.0117  5   VAL B CG1 
175 C CG2 . VAL B 5 ? 0.0405 0.0776 0.1061 -0.0141 -0.0191 0.0522  5   VAL B CG2 
185 N N   . TYR B 6 ? 0.0928 0.0448 0.1089 0.0011  -0.0531 -0.0114 6   TYR B N   
186 C CA  . TYR B 6 ? 0.0903 0.0375 0.1221 -0.0136 -0.0246 0.0043  6   TYR B CA  
187 C C   . TYR B 6 ? 0.1222 0.2305 0.2380 0.0602  0.0620  0.1351  6   TYR B C   
188 O O   . TYR B 6 ? 0.1701 0.3488 0.2634 0.0901  0.0773  0.1809  6   TYR B O   
189 C CB  . TYR B 6 ? 0.0621 0.0410 0.1089 -0.0169 -0.0243 0.0021  6   TYR B CB  
190 C CG  . TYR B 6 ? 0.0685 0.0590 0.1404 -0.0149 -0.0082 0.0385  6   TYR B CG  
191 C CD1 . TYR B 6 ? 0.0866 0.0713 0.1436 0.0009  0.0021  0.0534  6   TYR B CD1 
192 C CD2 . TYR B 6 ? 0.1084 0.0289 0.1176 0.0079  0.0004  0.0088  6   TYR B CD2 
193 C CE1 . TYR B 6 ? 0.0769 0.1301 0.1422 0.0080  0.0101  0.0761  6   TYR B CE1 
194 C CE2 . TYR B 6 ? 0.1052 0.0313 0.1114 0.0013  -0.0071 0.0126  6   TYR B CE2 
195 C CZ  . TYR B 6 ? 0.0715 0.1355 0.1161 -0.0021 -0.0154 0.0463  6   TYR B CZ  
196 O OH  . TYR B 6 ? 0.0821 0.1364 0.0859 -0.0116 -0.0467 0.0097  6   TYR B OH  
197 O OXT . TYR B 6 ? 0.1646 0.3335 0.2662 0.0950  0.0850  0.1694  6   TYR B OXT 
207 O O   . HOH C . ? 0.0882 0.1042 0.2915 0.0210  -0.0387 -0.0850 101 HOH A O   
208 O O   . HOH D . ? 0.2571 0.3626 0.1595 -0.0097 -0.1054 0.0134  101 HOH B O   
# 
